data_3PR0
#
_entry.id   3PR0
#
_cell.length_a   102.240
_cell.length_b   105.470
_cell.length_c   149.150
_cell.angle_alpha   90.00
_cell.angle_beta   90.00
_cell.angle_gamma   90.00
#
_symmetry.space_group_name_H-M   'P 21 21 21'
#
loop_
_entity.id
_entity.type
_entity.pdbx_description
1 polymer 'Fatty Acid Amide Hydrolase 1'
2 non-polymer 7-phenyl-1-[5-(pyridin-2-yl)-1,3,4-oxadiazol-2-yl]heptane-1,1-diol
3 non-polymer 'CHLORIDE ION'
4 non-polymer DI(HYDROXYETHYL)ETHER
5 water water
#
_entity_poly.entity_id   1
_entity_poly.type   'polypeptide(L)'
_entity_poly.pdbx_seq_one_letter_code
;MGSSHHHHHHSSGLVPRGSHMASRWTGRQKARGAATRARQKQRASLETMDKAVQRFRLQNPDLDSEALLTLPLLQLVQKL
QSGELSPEAVFFTYLGKAWEVNKGTNCVTSYLTDCETQLSQAPRQGLLYGVPVSLKECFSYKGHDSTLGLSLNEGMPSES
DCVVVQVLKLQGAVPFVHTNVPQSMFSYDCSNPLFGQTMNPWKSSKSPGGSSGGEGALIGSGGSPLGLGTDIGGSIRFPS
AFCGICGLKPTGNRLSKSGLKGCVYGQTAVQLSLGPMARDVESLALCLKALLCEHLFTLDPTVPPLPFREEVYRSSRPLR
VGYYETDNYTMPSPAMRRALIETKQRLEAAGHTLIPFLPNNIPYALEVLSTGGLFSDGGRSFLQNFKGDFVDPCLGDLIL
ILRLPSWFKRLLSLLLKPLFPRLAAFLNNMRPRSAEKLWKLQHEIEMYRQSVIAQWKAMNLDVLLTPMLGPALDLNTPGR
ATGAVSYTMLYNCLDFPAGVVPVTTVTAEDDAQMELYKGYFGDIWDIILKKAMKNSVGLPVAVQCVALPWQEELCLRFMR
EVEQLMTPQKQPS
;
_entity_poly.pdbx_strand_id   A,B
#
# COMPACT_ATOMS: atom_id res chain seq x y z
N GLY A 27 23.31 -27.94 19.94
CA GLY A 27 22.11 -27.93 20.76
C GLY A 27 20.83 -28.00 19.95
N ARG A 28 20.64 -29.10 19.24
CA ARG A 28 19.56 -29.23 18.29
C ARG A 28 18.60 -30.36 18.67
N GLN A 29 18.70 -30.86 19.89
CA GLN A 29 17.87 -32.00 20.28
C GLN A 29 16.39 -31.67 20.16
N LYS A 30 16.00 -30.49 20.61
CA LYS A 30 14.62 -30.06 20.50
C LYS A 30 14.16 -30.07 19.05
N ALA A 31 15.01 -29.58 18.15
CA ALA A 31 14.70 -29.59 16.73
C ALA A 31 14.58 -31.02 16.15
N ARG A 32 15.34 -31.96 16.70
CA ARG A 32 15.18 -33.36 16.28
C ARG A 32 13.82 -33.90 16.74
N GLY A 33 13.39 -33.50 17.93
CA GLY A 33 12.09 -33.89 18.43
C GLY A 33 10.99 -33.29 17.56
N ALA A 34 11.19 -32.04 17.12
CA ALA A 34 10.23 -31.40 16.24
C ALA A 34 10.10 -32.17 14.93
N ALA A 35 11.23 -32.61 14.38
CA ALA A 35 11.23 -33.35 13.12
C ALA A 35 10.52 -34.70 13.28
N THR A 36 10.78 -35.38 14.39
CA THR A 36 10.11 -36.63 14.72
C THR A 36 8.59 -36.45 14.78
N ARG A 37 8.13 -35.43 15.50
CA ARG A 37 6.69 -35.19 15.61
C ARG A 37 6.07 -34.81 14.26
N ALA A 38 6.75 -33.94 13.52
CA ALA A 38 6.23 -33.49 12.24
C ALA A 38 6.09 -34.68 11.28
N ARG A 39 7.12 -35.51 11.22
CA ARG A 39 7.11 -36.68 10.36
C ARG A 39 6.01 -37.67 10.73
N GLN A 40 5.73 -37.81 12.03
CA GLN A 40 4.63 -38.67 12.49
C GLN A 40 3.27 -38.14 12.03
N LYS A 41 3.08 -36.83 12.14
CA LYS A 41 1.85 -36.20 11.71
C LYS A 41 1.65 -36.34 10.21
N GLN A 42 2.72 -36.12 9.45
CA GLN A 42 2.67 -36.23 8.00
C GLN A 42 2.28 -37.67 7.66
N ARG A 43 2.90 -38.60 8.36
CA ARG A 43 2.65 -40.02 8.13
C ARG A 43 1.21 -40.39 8.49
N ALA A 44 0.73 -39.90 9.64
CA ALA A 44 -0.66 -40.20 10.03
C ALA A 44 -1.63 -39.56 9.04
N SER A 45 -1.31 -38.35 8.59
CA SER A 45 -2.12 -37.65 7.58
C SER A 45 -2.25 -38.48 6.32
N LEU A 46 -1.14 -39.05 5.87
CA LEU A 46 -1.15 -39.85 4.65
C LEU A 46 -1.94 -41.15 4.81
N GLU A 47 -1.87 -41.79 5.98
CA GLU A 47 -2.61 -43.03 6.22
C GLU A 47 -4.11 -42.76 6.29
N THR A 48 -4.47 -41.65 6.91
CA THR A 48 -5.87 -41.22 6.97
C THR A 48 -6.42 -41.02 5.56
N MET A 49 -5.63 -40.38 4.69
CA MET A 49 -6.02 -40.14 3.31
C MET A 49 -6.26 -41.46 2.59
N ASP A 50 -5.31 -42.39 2.76
CA ASP A 50 -5.38 -43.69 2.10
C ASP A 50 -6.60 -44.47 2.58
N LYS A 51 -6.87 -44.46 3.88
CA LYS A 51 -8.01 -45.21 4.41
C LYS A 51 -9.30 -44.69 3.79
N ALA A 52 -9.43 -43.37 3.68
CA ALA A 52 -10.64 -42.76 3.15
C ALA A 52 -10.78 -43.04 1.65
N VAL A 53 -9.67 -42.97 0.94
CA VAL A 53 -9.65 -43.27 -0.48
C VAL A 53 -10.02 -44.73 -0.76
N GLN A 54 -9.50 -45.65 0.06
CA GLN A 54 -9.81 -47.06 -0.13
C GLN A 54 -11.29 -47.37 0.15
N ARG A 55 -11.87 -46.68 1.13
CA ARG A 55 -13.29 -46.90 1.47
C ARG A 55 -14.11 -46.43 0.29
N PHE A 56 -13.82 -45.22 -0.18
CA PHE A 56 -14.56 -44.62 -1.28
C PHE A 56 -14.51 -45.48 -2.54
N ARG A 57 -13.33 -46.00 -2.87
CA ARG A 57 -13.18 -46.81 -4.08
C ARG A 57 -14.02 -48.07 -4.01
N LEU A 58 -13.96 -48.75 -2.87
CA LEU A 58 -14.76 -49.96 -2.64
C LEU A 58 -16.24 -49.69 -2.89
N GLN A 59 -16.71 -48.53 -2.46
CA GLN A 59 -18.12 -48.13 -2.61
C GLN A 59 -18.44 -47.58 -4.00
N ASN A 60 -17.41 -47.18 -4.75
CA ASN A 60 -17.58 -46.61 -6.08
C ASN A 60 -16.67 -47.25 -7.12
N PRO A 61 -16.75 -48.58 -7.28
CA PRO A 61 -15.80 -49.27 -8.15
C PRO A 61 -15.92 -48.87 -9.63
N ASP A 62 -17.04 -48.25 -10.01
CA ASP A 62 -17.32 -47.98 -11.41
C ASP A 62 -16.98 -46.56 -11.88
N LEU A 63 -16.57 -45.70 -10.94
CA LEU A 63 -16.23 -44.32 -11.26
C LEU A 63 -15.02 -44.28 -12.20
N ASP A 64 -15.13 -43.48 -13.26
CA ASP A 64 -14.03 -43.30 -14.21
C ASP A 64 -13.09 -42.22 -13.69
N SER A 65 -12.13 -42.63 -12.86
CA SER A 65 -11.22 -41.70 -12.20
CA SER A 65 -11.20 -41.72 -12.20
C SER A 65 -10.32 -40.96 -13.20
N GLU A 66 -9.82 -41.69 -14.19
CA GLU A 66 -8.95 -41.10 -15.21
C GLU A 66 -9.60 -39.87 -15.83
N ALA A 67 -10.85 -40.02 -16.23
CA ALA A 67 -11.56 -38.96 -16.94
C ALA A 67 -11.81 -37.74 -16.04
N LEU A 68 -12.14 -38.00 -14.78
CA LEU A 68 -12.37 -36.93 -13.82
C LEU A 68 -11.09 -36.13 -13.62
N LEU A 69 -9.98 -36.83 -13.47
CA LEU A 69 -8.71 -36.21 -13.14
C LEU A 69 -8.13 -35.32 -14.24
N THR A 70 -8.43 -35.65 -15.50
CA THR A 70 -7.87 -34.91 -16.63
C THR A 70 -8.77 -33.74 -17.09
N LEU A 71 -10.01 -33.71 -16.62
CA LEU A 71 -10.87 -32.57 -16.91
C LEU A 71 -10.16 -31.28 -16.50
N PRO A 72 -10.09 -30.32 -17.43
CA PRO A 72 -9.62 -28.98 -17.03
C PRO A 72 -10.53 -28.44 -15.93
N LEU A 73 -9.99 -27.62 -15.05
CA LEU A 73 -10.73 -27.09 -13.90
C LEU A 73 -12.08 -26.47 -14.26
N LEU A 74 -12.12 -25.70 -15.36
CA LEU A 74 -13.32 -25.01 -15.74
C LEU A 74 -14.47 -26.00 -15.98
N GLN A 75 -14.15 -27.12 -16.63
CA GLN A 75 -15.15 -28.14 -16.90
C GLN A 75 -15.49 -28.95 -15.65
N LEU A 76 -14.50 -29.15 -14.79
CA LEU A 76 -14.73 -29.84 -13.52
C LEU A 76 -15.74 -29.04 -12.68
N VAL A 77 -15.50 -27.73 -12.57
CA VAL A 77 -16.39 -26.82 -11.84
C VAL A 77 -17.81 -26.85 -12.39
N GLN A 78 -17.94 -26.88 -13.71
CA GLN A 78 -19.24 -26.90 -14.34
C GLN A 78 -19.98 -28.21 -14.03
N LYS A 79 -19.25 -29.31 -13.98
CA LYS A 79 -19.88 -30.59 -13.67
C LYS A 79 -20.29 -30.69 -12.20
N LEU A 80 -19.52 -30.08 -11.31
CA LEU A 80 -19.91 -30.04 -9.91
C LEU A 80 -21.14 -29.17 -9.73
N GLN A 81 -21.14 -28.05 -10.44
CA GLN A 81 -22.21 -27.07 -10.31
C GLN A 81 -23.52 -27.65 -10.88
N SER A 82 -23.43 -28.41 -11.97
CA SER A 82 -24.62 -29.00 -12.60
C SER A 82 -25.09 -30.28 -11.93
N GLY A 83 -24.29 -30.83 -11.03
CA GLY A 83 -24.65 -32.05 -10.33
C GLY A 83 -24.24 -33.33 -11.05
N GLU A 84 -23.59 -33.17 -12.20
CA GLU A 84 -23.13 -34.32 -12.98
C GLU A 84 -22.05 -35.08 -12.22
N LEU A 85 -21.22 -34.35 -11.49
CA LEU A 85 -20.22 -34.95 -10.60
C LEU A 85 -20.52 -34.58 -9.17
N SER A 86 -20.37 -35.54 -8.27
CA SER A 86 -20.59 -35.27 -6.86
C SER A 86 -19.32 -34.71 -6.23
N PRO A 87 -19.47 -33.78 -5.27
CA PRO A 87 -18.26 -33.29 -4.59
C PRO A 87 -17.45 -34.44 -4.01
N GLU A 88 -18.11 -35.48 -3.48
CA GLU A 88 -17.42 -36.63 -2.90
C GLU A 88 -16.57 -37.36 -3.93
N ALA A 89 -17.13 -37.50 -5.13
CA ALA A 89 -16.41 -38.19 -6.20
C ALA A 89 -15.16 -37.41 -6.59
N VAL A 90 -15.31 -36.11 -6.82
CA VAL A 90 -14.17 -35.27 -7.16
C VAL A 90 -13.14 -35.27 -6.04
N PHE A 91 -13.60 -35.03 -4.82
CA PHE A 91 -12.70 -34.96 -3.68
C PHE A 91 -11.88 -36.25 -3.51
N PHE A 92 -12.55 -37.40 -3.45
CA PHE A 92 -11.82 -38.63 -3.15
C PHE A 92 -10.96 -39.10 -4.32
N THR A 93 -11.37 -38.76 -5.52
CA THR A 93 -10.55 -39.06 -6.69
C THR A 93 -9.24 -38.25 -6.65
N TYR A 94 -9.34 -36.96 -6.39
CA TYR A 94 -8.14 -36.14 -6.24
C TYR A 94 -7.32 -36.54 -5.02
N LEU A 95 -7.99 -36.83 -3.91
CA LEU A 95 -7.30 -37.28 -2.71
C LEU A 95 -6.45 -38.52 -3.01
N GLY A 96 -7.01 -39.48 -3.74
CA GLY A 96 -6.27 -40.67 -4.11
C GLY A 96 -5.10 -40.36 -5.01
N LYS A 97 -5.32 -39.47 -5.97
CA LYS A 97 -4.28 -39.04 -6.89
C LYS A 97 -3.17 -38.29 -6.13
N ALA A 98 -3.55 -37.36 -5.26
CA ALA A 98 -2.58 -36.66 -4.43
C ALA A 98 -1.74 -37.65 -3.65
N TRP A 99 -2.40 -38.62 -3.03
CA TRP A 99 -1.71 -39.61 -2.22
C TRP A 99 -0.69 -40.36 -3.06
N GLU A 100 -1.11 -40.75 -4.26
CA GLU A 100 -0.25 -41.54 -5.17
C GLU A 100 0.96 -40.75 -5.66
N VAL A 101 0.73 -39.55 -6.16
CA VAL A 101 1.82 -38.74 -6.67
C VAL A 101 2.78 -38.33 -5.56
N ASN A 102 2.26 -38.15 -4.35
CA ASN A 102 3.11 -37.84 -3.22
C ASN A 102 4.17 -38.90 -2.99
N LYS A 103 3.87 -40.15 -3.34
CA LYS A 103 4.84 -41.23 -3.15
C LYS A 103 6.15 -40.97 -3.86
N GLY A 104 6.10 -40.36 -5.04
CA GLY A 104 7.30 -40.05 -5.78
C GLY A 104 7.84 -38.63 -5.65
N THR A 105 7.13 -37.75 -4.94
CA THR A 105 7.55 -36.35 -4.87
C THR A 105 7.69 -35.78 -3.46
N ASN A 106 6.99 -36.39 -2.50
CA ASN A 106 6.99 -35.92 -1.12
C ASN A 106 6.59 -34.45 -1.04
N CYS A 107 5.45 -34.10 -1.64
CA CYS A 107 4.99 -32.72 -1.66
C CYS A 107 3.93 -32.42 -0.59
N VAL A 108 3.30 -33.44 -0.04
CA VAL A 108 2.22 -33.23 0.93
C VAL A 108 2.73 -33.35 2.37
N THR A 109 2.48 -32.33 3.20
CA THR A 109 2.97 -32.36 4.57
C THR A 109 1.85 -32.66 5.55
N SER A 110 0.64 -32.34 5.14
CA SER A 110 -0.49 -32.48 6.04
C SER A 110 -1.81 -32.59 5.29
N TYR A 111 -2.67 -33.46 5.79
CA TYR A 111 -4.02 -33.59 5.31
C TYR A 111 -4.90 -32.75 6.23
N LEU A 112 -5.63 -31.80 5.66
CA LEU A 112 -6.34 -30.81 6.47
C LEU A 112 -7.55 -31.44 7.16
N THR A 113 -7.34 -31.85 8.40
CA THR A 113 -8.19 -32.77 9.14
C THR A 113 -9.70 -32.76 8.87
N ASP A 114 -10.31 -31.59 8.85
CA ASP A 114 -11.78 -31.50 8.82
C ASP A 114 -12.33 -31.25 7.43
N CYS A 115 -11.51 -31.40 6.40
CA CYS A 115 -11.95 -31.03 5.06
C CYS A 115 -13.14 -31.84 4.57
N GLU A 116 -13.21 -33.10 5.00
CA GLU A 116 -14.32 -33.97 4.60
C GLU A 116 -15.67 -33.42 5.07
N THR A 117 -15.70 -32.82 6.25
CA THR A 117 -16.92 -32.17 6.75
C THR A 117 -17.16 -30.83 6.06
N GLN A 118 -16.09 -30.11 5.71
CA GLN A 118 -16.22 -28.91 4.89
C GLN A 118 -16.83 -29.32 3.54
N LEU A 119 -16.39 -30.46 3.04
CA LEU A 119 -16.92 -31.02 1.80
C LEU A 119 -18.45 -31.10 1.79
N SER A 120 -19.04 -31.41 2.93
CA SER A 120 -20.49 -31.62 3.01
C SER A 120 -21.25 -30.35 3.35
N GLN A 121 -20.54 -29.31 3.75
CA GLN A 121 -21.14 -28.02 4.09
C GLN A 121 -20.75 -26.95 3.08
N ALA A 122 -20.09 -27.36 2.01
CA ALA A 122 -19.59 -26.43 1.00
C ALA A 122 -20.76 -25.73 0.31
N PRO A 123 -20.74 -24.39 0.32
CA PRO A 123 -21.85 -23.59 -0.22
C PRO A 123 -22.06 -23.84 -1.70
N ARG A 124 -23.27 -24.26 -2.02
CA ARG A 124 -23.62 -24.71 -3.37
C ARG A 124 -23.46 -23.60 -4.40
N GLN A 125 -23.67 -22.35 -3.98
CA GLN A 125 -23.60 -21.21 -4.89
C GLN A 125 -22.18 -20.71 -5.15
N GLY A 126 -21.22 -21.24 -4.39
CA GLY A 126 -19.84 -20.79 -4.53
C GLY A 126 -19.27 -21.03 -5.92
N LEU A 127 -18.42 -20.10 -6.36
CA LEU A 127 -17.74 -20.21 -7.65
C LEU A 127 -16.75 -21.35 -7.71
N LEU A 128 -16.34 -21.84 -6.53
CA LEU A 128 -15.40 -22.96 -6.46
C LEU A 128 -16.04 -24.20 -5.80
N TYR A 129 -17.38 -24.31 -5.88
CA TYR A 129 -18.10 -25.43 -5.24
C TYR A 129 -17.48 -26.78 -5.53
N GLY A 130 -17.01 -27.45 -4.48
CA GLY A 130 -16.50 -28.82 -4.59
C GLY A 130 -15.11 -29.00 -5.21
N VAL A 131 -14.43 -27.89 -5.42
CA VAL A 131 -13.06 -27.92 -5.94
C VAL A 131 -12.06 -28.13 -4.80
N PRO A 132 -11.33 -29.25 -4.85
CA PRO A 132 -10.21 -29.49 -3.93
C PRO A 132 -9.08 -28.52 -4.23
N VAL A 133 -8.59 -27.86 -3.19
CA VAL A 133 -7.52 -26.89 -3.35
C VAL A 133 -6.35 -27.22 -2.42
N SER A 134 -5.15 -27.20 -2.96
CA SER A 134 -3.97 -27.40 -2.14
C SER A 134 -3.43 -26.05 -1.69
N LEU A 135 -2.82 -26.03 -0.50
CA LEU A 135 -2.36 -24.78 0.11
C LEU A 135 -0.90 -24.90 0.47
N LYS A 136 -0.11 -23.91 0.07
CA LYS A 136 1.26 -23.82 0.54
C LYS A 136 1.19 -23.79 2.07
N GLU A 137 2.19 -24.37 2.73
CA GLU A 137 2.11 -24.57 4.18
C GLU A 137 1.92 -23.28 5.01
N CYS A 138 2.34 -22.14 4.48
CA CYS A 138 2.21 -20.88 5.21
C CYS A 138 0.77 -20.36 5.32
N PHE A 139 -0.16 -20.90 4.53
CA PHE A 139 -1.56 -20.51 4.68
C PHE A 139 -2.19 -21.14 5.92
N SER A 140 -2.30 -20.37 7.00
CA SER A 140 -2.81 -20.87 8.27
C SER A 140 -4.17 -21.55 8.15
N TYR A 141 -4.24 -22.75 8.69
CA TYR A 141 -5.46 -23.52 8.71
C TYR A 141 -5.72 -23.93 10.16
N LYS A 142 -6.91 -23.63 10.64
CA LYS A 142 -7.24 -23.86 12.05
C LYS A 142 -6.83 -25.25 12.52
N GLY A 143 -6.11 -25.29 13.63
CA GLY A 143 -5.69 -26.54 14.24
C GLY A 143 -4.42 -27.14 13.65
N HIS A 144 -3.85 -26.51 12.63
CA HIS A 144 -2.64 -27.05 12.00
C HIS A 144 -1.45 -26.14 12.17
N ASP A 145 -0.27 -26.75 12.25
CA ASP A 145 0.98 -26.02 12.27
C ASP A 145 1.21 -25.44 10.89
N SER A 146 1.79 -24.25 10.86
CA SER A 146 2.44 -23.75 9.65
C SER A 146 3.92 -23.62 9.99
N THR A 147 4.65 -24.72 9.81
CA THR A 147 6.02 -24.79 10.31
C THR A 147 7.02 -23.97 9.52
N LEU A 148 6.79 -23.85 8.21
CA LEU A 148 7.77 -23.26 7.31
C LEU A 148 9.05 -24.07 7.34
N GLY A 149 8.95 -25.31 7.79
CA GLY A 149 10.12 -26.17 7.89
C GLY A 149 10.98 -25.84 9.10
N LEU A 150 10.47 -24.98 9.97
CA LEU A 150 11.26 -24.47 11.10
C LEU A 150 10.80 -25.08 12.41
N SER A 151 11.76 -25.60 13.15
CA SER A 151 11.49 -26.26 14.42
C SER A 151 10.69 -25.36 15.37
N LEU A 152 11.02 -24.08 15.42
CA LEU A 152 10.35 -23.18 16.36
C LEU A 152 8.85 -23.03 16.08
N ASN A 153 8.41 -23.35 14.87
CA ASN A 153 6.97 -23.29 14.56
C ASN A 153 6.23 -24.62 14.69
N GLU A 154 6.94 -25.67 15.09
CA GLU A 154 6.32 -26.99 15.25
C GLU A 154 5.55 -27.03 16.58
N GLY A 155 4.37 -27.63 16.57
CA GLY A 155 3.54 -27.69 17.76
C GLY A 155 2.96 -26.34 18.15
N MET A 156 2.74 -25.48 17.16
CA MET A 156 2.05 -24.20 17.35
C MET A 156 0.87 -24.11 16.38
N PRO A 157 -0.20 -24.87 16.64
CA PRO A 157 -1.32 -24.88 15.69
C PRO A 157 -1.97 -23.51 15.55
N SER A 158 -2.41 -23.20 14.34
N SER A 158 -2.39 -23.19 14.34
CA SER A 158 -3.10 -21.95 14.06
CA SER A 158 -3.07 -21.92 14.08
C SER A 158 -4.45 -21.92 14.79
C SER A 158 -4.44 -21.91 14.76
N GLU A 159 -4.82 -20.76 15.30
CA GLU A 159 -6.09 -20.61 16.02
C GLU A 159 -7.27 -20.56 15.05
N SER A 160 -7.01 -20.05 13.86
CA SER A 160 -8.05 -19.90 12.85
C SER A 160 -7.50 -19.98 11.43
N ASP A 161 -8.38 -20.15 10.47
CA ASP A 161 -7.98 -20.10 9.08
C ASP A 161 -7.56 -18.67 8.73
N CYS A 162 -6.60 -18.53 7.83
CA CYS A 162 -6.21 -17.20 7.36
C CYS A 162 -7.33 -16.72 6.44
N VAL A 163 -7.29 -15.44 6.08
CA VAL A 163 -8.39 -14.85 5.34
C VAL A 163 -8.64 -15.54 3.99
N VAL A 164 -7.59 -15.79 3.22
CA VAL A 164 -7.79 -16.42 1.92
CA VAL A 164 -7.75 -16.43 1.92
C VAL A 164 -8.38 -17.82 2.03
N VAL A 165 -8.02 -18.54 3.10
CA VAL A 165 -8.62 -19.85 3.35
C VAL A 165 -10.11 -19.70 3.65
N GLN A 166 -10.45 -18.72 4.48
CA GLN A 166 -11.85 -18.44 4.80
C GLN A 166 -12.64 -18.15 3.54
N VAL A 167 -12.04 -17.37 2.64
CA VAL A 167 -12.71 -16.98 1.41
C VAL A 167 -12.88 -18.16 0.45
N LEU A 168 -11.85 -19.01 0.36
CA LEU A 168 -11.92 -20.22 -0.45
C LEU A 168 -13.09 -21.09 -0.02
N LYS A 169 -13.26 -21.26 1.29
CA LYS A 169 -14.31 -22.11 1.84
C LYS A 169 -15.68 -21.47 1.62
N LEU A 170 -15.74 -20.15 1.77
CA LEU A 170 -16.98 -19.42 1.52
C LEU A 170 -17.37 -19.52 0.05
N GLN A 171 -16.40 -19.81 -0.81
CA GLN A 171 -16.67 -19.98 -2.24
C GLN A 171 -16.90 -21.45 -2.60
N GLY A 172 -17.05 -22.29 -1.59
CA GLY A 172 -17.39 -23.69 -1.81
C GLY A 172 -16.18 -24.57 -2.09
N ALA A 173 -14.98 -24.00 -2.11
CA ALA A 173 -13.77 -24.81 -2.32
C ALA A 173 -13.47 -25.65 -1.09
N VAL A 174 -12.66 -26.70 -1.27
CA VAL A 174 -12.30 -27.58 -0.18
C VAL A 174 -10.79 -27.71 -0.09
N PRO A 175 -10.15 -26.82 0.69
CA PRO A 175 -8.71 -26.96 0.91
C PRO A 175 -8.48 -28.30 1.58
N PHE A 176 -7.57 -29.12 1.06
CA PHE A 176 -7.42 -30.47 1.57
C PHE A 176 -6.01 -30.86 2.00
N VAL A 177 -4.99 -30.18 1.48
CA VAL A 177 -3.63 -30.42 1.98
C VAL A 177 -2.77 -29.17 2.14
N HIS A 178 -1.80 -29.27 3.04
CA HIS A 178 -0.69 -28.35 3.10
C HIS A 178 0.46 -28.96 2.31
N THR A 179 1.11 -28.17 1.47
CA THR A 179 2.21 -28.69 0.66
C THR A 179 3.56 -28.14 1.12
N ASN A 180 4.61 -28.86 0.78
CA ASN A 180 5.94 -28.60 1.30
C ASN A 180 6.60 -27.31 0.80
N VAL A 181 7.47 -26.76 1.64
CA VAL A 181 8.24 -25.56 1.29
C VAL A 181 9.69 -25.76 1.73
N PRO A 182 10.62 -25.05 1.08
CA PRO A 182 11.96 -25.08 1.66
C PRO A 182 11.93 -24.36 2.99
N GLN A 183 12.88 -24.68 3.86
CA GLN A 183 12.97 -24.10 5.19
C GLN A 183 13.05 -22.58 5.17
N SER A 184 12.15 -21.95 5.91
CA SER A 184 12.00 -20.49 5.99
C SER A 184 11.31 -19.88 4.77
N MET A 185 11.14 -20.67 3.73
CA MET A 185 10.54 -20.22 2.47
C MET A 185 11.41 -19.26 1.67
N PHE A 186 12.58 -18.90 2.19
CA PHE A 186 13.42 -17.99 1.45
C PHE A 186 14.44 -18.75 0.61
N SER A 187 13.93 -19.40 -0.42
CA SER A 187 14.72 -20.32 -1.23
C SER A 187 13.89 -20.67 -2.46
N TYR A 188 14.52 -20.97 -3.59
CA TYR A 188 13.76 -21.44 -4.74
C TYR A 188 14.00 -22.92 -5.02
N ASP A 189 14.43 -23.62 -3.98
CA ASP A 189 14.45 -25.08 -3.95
C ASP A 189 13.34 -25.48 -2.97
N CYS A 190 13.25 -26.76 -2.59
CA CYS A 190 12.14 -27.17 -1.74
C CYS A 190 12.48 -28.32 -0.79
N SER A 191 13.29 -28.04 0.22
CA SER A 191 13.60 -29.04 1.23
C SER A 191 13.66 -28.39 2.61
N ASN A 192 13.27 -29.13 3.63
CA ASN A 192 13.46 -28.67 5.00
C ASN A 192 13.67 -29.83 5.96
N PRO A 193 14.20 -29.56 7.15
CA PRO A 193 14.56 -30.65 8.07
C PRO A 193 13.37 -31.39 8.68
N LEU A 194 12.18 -30.82 8.61
CA LEU A 194 11.02 -31.49 9.17
C LEU A 194 10.46 -32.55 8.22
N PHE A 195 10.03 -32.11 7.04
CA PHE A 195 9.32 -33.01 6.12
C PHE A 195 10.22 -33.55 5.02
N GLY A 196 11.45 -33.05 4.96
CA GLY A 196 12.41 -33.51 3.99
C GLY A 196 12.29 -32.78 2.66
N GLN A 197 12.71 -33.47 1.60
CA GLN A 197 12.91 -32.87 0.30
C GLN A 197 11.81 -33.22 -0.68
N THR A 198 11.30 -32.21 -1.37
CA THR A 198 10.30 -32.38 -2.41
C THR A 198 10.98 -32.51 -3.77
N MET A 199 10.44 -33.34 -4.63
CA MET A 199 11.12 -33.61 -5.88
C MET A 199 10.28 -33.20 -7.07
N ASN A 200 10.96 -32.84 -8.15
CA ASN A 200 10.29 -32.50 -9.37
C ASN A 200 9.64 -33.76 -9.96
N PRO A 201 8.35 -33.70 -10.27
CA PRO A 201 7.59 -34.85 -10.79
C PRO A 201 8.11 -35.35 -12.14
N TRP A 202 8.80 -34.48 -12.88
CA TRP A 202 9.29 -34.81 -14.22
C TRP A 202 10.60 -35.60 -14.18
N LYS A 203 11.34 -35.45 -13.09
CA LYS A 203 12.68 -36.02 -12.99
C LYS A 203 13.15 -35.88 -11.55
N SER A 204 13.39 -37.02 -10.92
CA SER A 204 13.59 -37.08 -9.48
C SER A 204 14.91 -36.45 -9.01
N SER A 205 15.83 -36.22 -9.94
CA SER A 205 17.08 -35.55 -9.60
C SER A 205 16.95 -34.02 -9.69
N LYS A 206 15.80 -33.54 -10.13
CA LYS A 206 15.58 -32.10 -10.31
C LYS A 206 14.74 -31.49 -9.19
N SER A 207 15.01 -30.22 -8.90
CA SER A 207 14.21 -29.46 -7.94
C SER A 207 12.84 -29.13 -8.56
N PRO A 208 11.80 -29.09 -7.72
CA PRO A 208 10.49 -28.63 -8.21
C PRO A 208 10.44 -27.11 -8.20
N GLY A 209 11.53 -26.47 -7.80
CA GLY A 209 11.53 -25.04 -7.58
C GLY A 209 10.92 -24.74 -6.22
N GLY A 210 10.72 -23.47 -5.92
CA GLY A 210 10.29 -23.06 -4.60
C GLY A 210 10.18 -21.55 -4.53
N SER A 211 9.66 -21.03 -3.43
CA SER A 211 9.33 -21.85 -2.27
C SER A 211 7.99 -22.58 -2.35
N SER A 212 7.15 -22.26 -3.33
CA SER A 212 5.87 -23.00 -3.47
C SER A 212 6.09 -24.34 -4.20
N GLY A 213 7.13 -25.06 -3.80
CA GLY A 213 7.56 -26.26 -4.50
C GLY A 213 6.62 -27.45 -4.37
N GLY A 214 6.12 -27.68 -3.17
CA GLY A 214 5.12 -28.70 -2.97
C GLY A 214 3.93 -28.49 -3.90
N GLU A 215 3.49 -27.24 -4.01
CA GLU A 215 2.37 -26.91 -4.90
C GLU A 215 2.70 -27.27 -6.35
N GLY A 216 3.89 -26.87 -6.78
CA GLY A 216 4.34 -27.16 -8.13
C GLY A 216 4.36 -28.65 -8.38
N ALA A 217 4.92 -29.41 -7.45
CA ALA A 217 5.02 -30.86 -7.62
C ALA A 217 3.64 -31.49 -7.66
N LEU A 218 2.79 -31.09 -6.73
CA LEU A 218 1.46 -31.69 -6.60
C LEU A 218 0.62 -31.39 -7.84
N ILE A 219 0.50 -30.11 -8.18
CA ILE A 219 -0.30 -29.73 -9.34
C ILE A 219 0.29 -30.23 -10.66
N GLY A 220 1.62 -30.19 -10.77
CA GLY A 220 2.30 -30.59 -11.99
C GLY A 220 2.23 -32.09 -12.26
N SER A 221 1.92 -32.88 -11.24
CA SER A 221 1.73 -34.30 -11.45
C SER A 221 0.25 -34.67 -11.41
N GLY A 222 -0.63 -33.67 -11.32
CA GLY A 222 -2.06 -33.90 -11.41
C GLY A 222 -2.79 -34.21 -10.11
N GLY A 223 -2.15 -33.98 -8.97
CA GLY A 223 -2.74 -34.31 -7.68
C GLY A 223 -3.63 -33.20 -7.11
N SER A 224 -3.73 -32.10 -7.83
CA SER A 224 -4.57 -30.99 -7.40
C SER A 224 -4.84 -30.11 -8.59
N PRO A 225 -6.08 -29.65 -8.74
CA PRO A 225 -6.40 -28.79 -9.90
C PRO A 225 -6.07 -27.33 -9.65
N LEU A 226 -5.82 -26.96 -8.39
CA LEU A 226 -5.64 -25.55 -8.03
C LEU A 226 -4.95 -25.40 -6.67
N GLY A 227 -4.01 -24.46 -6.58
CA GLY A 227 -3.28 -24.23 -5.35
C GLY A 227 -2.96 -22.76 -5.16
N LEU A 228 -2.60 -22.39 -3.94
CA LEU A 228 -2.21 -21.02 -3.67
C LEU A 228 -0.78 -21.02 -3.19
N GLY A 229 0.02 -20.10 -3.71
CA GLY A 229 1.39 -19.95 -3.27
C GLY A 229 1.62 -18.51 -2.84
N THR A 230 2.86 -18.21 -2.47
CA THR A 230 3.28 -16.85 -2.18
C THR A 230 4.59 -16.60 -2.92
N ASP A 231 4.98 -15.34 -3.05
CA ASP A 231 6.12 -14.96 -3.90
C ASP A 231 6.69 -13.62 -3.43
N ILE A 232 7.96 -13.62 -3.04
CA ILE A 232 8.68 -12.39 -2.73
C ILE A 232 9.92 -12.23 -3.64
N GLY A 233 10.35 -13.32 -4.27
CA GLY A 233 11.45 -13.26 -5.23
C GLY A 233 11.31 -14.22 -6.40
N GLY A 234 10.12 -14.80 -6.56
CA GLY A 234 9.86 -15.72 -7.66
C GLY A 234 9.22 -17.04 -7.22
N SER A 235 8.85 -17.12 -5.94
CA SER A 235 8.40 -18.36 -5.31
C SER A 235 7.10 -18.96 -5.84
N ILE A 236 6.35 -18.23 -6.64
CA ILE A 236 5.21 -18.82 -7.33
C ILE A 236 5.65 -19.23 -8.72
N ARG A 237 6.57 -18.45 -9.29
CA ARG A 237 6.95 -18.56 -10.70
C ARG A 237 8.00 -19.66 -10.96
N PHE A 238 8.99 -19.81 -10.08
CA PHE A 238 9.96 -20.90 -10.20
C PHE A 238 9.28 -22.27 -10.20
N PRO A 239 8.46 -22.56 -9.17
CA PRO A 239 7.85 -23.88 -9.09
C PRO A 239 6.96 -24.11 -10.30
N SER A 240 6.26 -23.06 -10.72
CA SER A 240 5.41 -23.16 -11.90
C SER A 240 6.21 -23.49 -13.15
N ALA A 241 7.30 -22.75 -13.39
CA ALA A 241 8.13 -23.03 -14.56
C ALA A 241 8.81 -24.38 -14.47
N PHE A 242 9.40 -24.69 -13.31
CA PHE A 242 10.17 -25.91 -13.15
C PHE A 242 9.27 -27.14 -13.32
N CYS A 243 8.01 -27.00 -12.89
CA CYS A 243 7.10 -28.16 -12.90
C CYS A 243 6.13 -28.16 -14.07
N GLY A 244 6.20 -27.12 -14.90
CA GLY A 244 5.43 -27.07 -16.12
C GLY A 244 3.96 -26.73 -15.92
N ILE A 245 3.66 -25.87 -14.95
CA ILE A 245 2.31 -25.38 -14.74
C ILE A 245 2.25 -23.85 -14.83
N CYS A 246 1.05 -23.30 -14.70
CA CYS A 246 0.85 -21.85 -14.73
C CYS A 246 0.80 -21.28 -13.33
N GLY A 247 1.32 -20.07 -13.17
CA GLY A 247 1.21 -19.35 -11.91
C GLY A 247 1.17 -17.85 -12.11
N LEU A 248 0.47 -17.16 -11.21
CA LEU A 248 0.44 -15.70 -11.25
C LEU A 248 0.83 -15.10 -9.90
N LYS A 249 1.78 -14.16 -9.95
CA LYS A 249 2.12 -13.33 -8.81
C LYS A 249 1.50 -11.95 -9.01
N PRO A 250 0.37 -11.69 -8.35
CA PRO A 250 -0.31 -10.38 -8.42
C PRO A 250 0.49 -9.26 -7.76
N THR A 251 0.06 -8.02 -7.96
CA THR A 251 0.54 -6.91 -7.15
C THR A 251 0.42 -7.24 -5.66
N GLY A 252 1.42 -6.85 -4.89
CA GLY A 252 1.51 -7.27 -3.50
C GLY A 252 0.20 -7.17 -2.73
N ASN A 253 -0.48 -6.03 -2.80
CA ASN A 253 -1.68 -5.87 -1.97
C ASN A 253 -3.01 -6.15 -2.70
N ARG A 254 -2.96 -6.96 -3.77
CA ARG A 254 -4.21 -7.26 -4.48
C ARG A 254 -5.02 -8.30 -3.71
N LEU A 255 -4.33 -9.16 -2.99
CA LEU A 255 -4.97 -10.21 -2.20
C LEU A 255 -4.52 -10.10 -0.75
N SER A 256 -5.35 -10.56 0.18
CA SER A 256 -5.06 -10.41 1.60
C SER A 256 -4.01 -11.38 2.11
N LYS A 257 -3.07 -10.84 2.88
CA LYS A 257 -2.03 -11.64 3.52
C LYS A 257 -2.33 -11.82 5.00
N SER A 258 -3.51 -11.39 5.42
CA SER A 258 -3.92 -11.53 6.81
C SER A 258 -4.00 -12.99 7.25
N GLY A 259 -3.28 -13.33 8.32
CA GLY A 259 -3.27 -14.68 8.83
C GLY A 259 -2.20 -15.57 8.23
N LEU A 260 -1.45 -15.05 7.27
CA LEU A 260 -0.34 -15.80 6.67
C LEU A 260 0.81 -15.96 7.66
N LYS A 261 1.40 -17.15 7.70
CA LYS A 261 2.55 -17.37 8.55
C LYS A 261 3.80 -16.88 7.82
N GLY A 262 4.57 -16.03 8.47
CA GLY A 262 5.82 -15.57 7.88
C GLY A 262 7.02 -15.86 8.76
N CYS A 263 8.23 -15.59 8.25
CA CYS A 263 9.43 -15.71 9.06
C CYS A 263 10.06 -14.34 9.38
N VAL A 264 9.80 -13.34 8.53
CA VAL A 264 10.23 -11.97 8.82
C VAL A 264 9.04 -11.03 8.84
N TYR A 265 8.95 -10.18 9.86
CA TYR A 265 7.77 -9.33 9.98
C TYR A 265 8.11 -7.85 9.91
N GLY A 266 7.30 -7.09 9.19
CA GLY A 266 7.44 -5.65 9.16
C GLY A 266 8.34 -5.15 8.04
N GLN A 267 8.82 -6.06 7.19
CA GLN A 267 9.65 -5.68 6.06
C GLN A 267 8.71 -5.27 4.92
N THR A 268 8.68 -3.99 4.58
CA THR A 268 7.68 -3.48 3.63
C THR A 268 8.26 -2.87 2.35
N ALA A 269 9.59 -2.87 2.24
CA ALA A 269 10.28 -2.39 1.04
C ALA A 269 10.02 -3.30 -0.18
N VAL A 270 10.17 -4.61 0.01
CA VAL A 270 9.81 -5.59 -0.99
C VAL A 270 8.65 -6.43 -0.42
N GLN A 271 7.44 -6.21 -0.92
CA GLN A 271 6.26 -6.86 -0.39
C GLN A 271 6.11 -8.27 -0.90
N LEU A 272 5.67 -9.13 0.00
CA LEU A 272 5.25 -10.47 -0.31
C LEU A 272 3.95 -10.36 -1.10
N SER A 273 3.79 -11.25 -2.07
CA SER A 273 2.53 -11.32 -2.78
C SER A 273 2.00 -12.78 -2.76
N LEU A 274 0.68 -12.96 -2.77
CA LEU A 274 0.16 -14.32 -2.83
C LEU A 274 -0.68 -14.53 -4.08
N GLY A 275 -0.71 -15.75 -4.60
CA GLY A 275 -1.44 -16.00 -5.82
C GLY A 275 -1.59 -17.46 -6.19
N PRO A 276 -2.40 -17.72 -7.23
CA PRO A 276 -2.78 -19.08 -7.62
C PRO A 276 -1.77 -19.75 -8.54
N MET A 277 -1.79 -21.08 -8.47
CA MET A 277 -1.05 -21.92 -9.40
C MET A 277 -2.03 -23.00 -9.87
N ALA A 278 -1.88 -23.44 -11.11
CA ALA A 278 -2.86 -24.33 -11.72
C ALA A 278 -2.32 -24.88 -13.02
N ARG A 279 -3.07 -25.78 -13.66
CA ARG A 279 -2.57 -26.39 -14.89
C ARG A 279 -2.76 -25.50 -16.13
N ASP A 280 -3.68 -24.54 -16.06
CA ASP A 280 -3.91 -23.66 -17.19
C ASP A 280 -4.24 -22.24 -16.73
N VAL A 281 -4.27 -21.29 -17.67
CA VAL A 281 -4.42 -19.89 -17.32
C VAL A 281 -5.83 -19.61 -16.80
N GLU A 282 -6.81 -20.25 -17.42
CA GLU A 282 -8.21 -20.03 -17.09
C GLU A 282 -8.46 -20.37 -15.61
N SER A 283 -7.71 -21.34 -15.09
CA SER A 283 -7.85 -21.69 -13.67
C SER A 283 -7.39 -20.54 -12.78
N LEU A 284 -6.31 -19.89 -13.19
CA LEU A 284 -5.76 -18.77 -12.43
C LEU A 284 -6.76 -17.62 -12.40
N ALA A 285 -7.36 -17.32 -13.55
CA ALA A 285 -8.36 -16.27 -13.66
C ALA A 285 -9.60 -16.61 -12.85
N LEU A 286 -10.03 -17.87 -12.91
CA LEU A 286 -11.15 -18.32 -12.09
C LEU A 286 -10.86 -18.16 -10.59
N CYS A 287 -9.67 -18.55 -10.17
CA CYS A 287 -9.29 -18.39 -8.78
C CYS A 287 -9.28 -16.92 -8.34
N LEU A 288 -8.64 -16.04 -9.13
CA LEU A 288 -8.62 -14.63 -8.77
C LEU A 288 -10.04 -14.07 -8.72
N LYS A 289 -10.84 -14.46 -9.68
CA LYS A 289 -12.22 -14.00 -9.73
C LYS A 289 -12.97 -14.41 -8.45
N ALA A 290 -12.78 -15.65 -8.01
CA ALA A 290 -13.47 -16.13 -6.81
C ALA A 290 -12.93 -15.45 -5.54
N LEU A 291 -11.63 -15.14 -5.52
CA LEU A 291 -11.05 -14.54 -4.33
C LEU A 291 -11.40 -13.07 -4.18
N LEU A 292 -11.48 -12.35 -5.31
CA LEU A 292 -11.70 -10.90 -5.27
C LEU A 292 -13.18 -10.55 -5.12
N CYS A 293 -13.74 -10.93 -3.97
CA CYS A 293 -15.17 -10.77 -3.73
C CYS A 293 -15.38 -10.04 -2.41
N GLU A 294 -16.63 -9.70 -2.13
CA GLU A 294 -17.00 -8.97 -0.94
C GLU A 294 -16.52 -9.66 0.35
N HIS A 295 -16.54 -11.00 0.38
CA HIS A 295 -16.09 -11.74 1.54
C HIS A 295 -14.65 -11.33 1.88
N LEU A 296 -13.80 -11.31 0.85
CA LEU A 296 -12.39 -10.96 1.06
C LEU A 296 -12.26 -9.52 1.54
N PHE A 297 -12.98 -8.62 0.88
CA PHE A 297 -12.85 -7.19 1.13
C PHE A 297 -13.38 -6.82 2.52
N THR A 298 -14.38 -7.55 2.98
CA THR A 298 -14.96 -7.39 4.31
C THR A 298 -14.09 -8.00 5.40
N LEU A 299 -13.56 -9.19 5.14
CA LEU A 299 -12.70 -9.89 6.09
C LEU A 299 -11.34 -9.21 6.24
N ASP A 300 -10.89 -8.55 5.18
CA ASP A 300 -9.65 -7.76 5.25
C ASP A 300 -9.78 -6.41 4.55
N PRO A 301 -10.30 -5.42 5.27
CA PRO A 301 -10.54 -4.08 4.74
C PRO A 301 -9.29 -3.36 4.24
N THR A 302 -8.10 -3.83 4.61
CA THR A 302 -6.86 -3.19 4.14
C THR A 302 -6.55 -3.49 2.66
N VAL A 303 -7.23 -4.49 2.10
CA VAL A 303 -7.08 -4.78 0.67
C VAL A 303 -7.99 -3.87 -0.14
N PRO A 304 -7.44 -3.16 -1.14
CA PRO A 304 -8.30 -2.30 -1.97
C PRO A 304 -9.38 -3.16 -2.60
N PRO A 305 -10.65 -2.77 -2.44
CA PRO A 305 -11.72 -3.65 -2.92
C PRO A 305 -11.89 -3.54 -4.42
N LEU A 306 -10.99 -4.18 -5.17
CA LEU A 306 -11.01 -4.17 -6.63
C LEU A 306 -11.49 -5.51 -7.19
N PRO A 307 -12.76 -5.57 -7.60
CA PRO A 307 -13.21 -6.87 -8.11
C PRO A 307 -12.47 -7.24 -9.39
N PHE A 308 -12.42 -8.53 -9.70
CA PHE A 308 -11.82 -9.01 -10.94
C PHE A 308 -12.58 -8.43 -12.13
N ARG A 309 -11.84 -7.82 -13.06
CA ARG A 309 -12.42 -7.19 -14.24
C ARG A 309 -12.44 -8.12 -15.46
N GLU A 310 -13.53 -8.86 -15.59
CA GLU A 310 -13.71 -9.88 -16.63
C GLU A 310 -13.41 -9.39 -18.04
N GLU A 311 -13.94 -8.22 -18.40
CA GLU A 311 -13.79 -7.71 -19.76
C GLU A 311 -12.35 -7.40 -20.14
N VAL A 312 -11.50 -7.10 -19.16
CA VAL A 312 -10.09 -6.89 -19.46
C VAL A 312 -9.47 -8.25 -19.69
N TYR A 313 -9.82 -9.21 -18.83
CA TYR A 313 -9.32 -10.57 -19.00
C TYR A 313 -9.72 -11.16 -20.36
N ARG A 314 -10.95 -10.88 -20.79
CA ARG A 314 -11.51 -11.50 -21.99
C ARG A 314 -11.17 -10.77 -23.28
N SER A 315 -10.55 -9.61 -23.15
CA SER A 315 -10.32 -8.76 -24.31
C SER A 315 -9.50 -9.46 -25.38
N SER A 316 -9.76 -9.14 -26.64
CA SER A 316 -9.02 -9.74 -27.74
C SER A 316 -8.28 -8.71 -28.61
N ARG A 317 -8.14 -7.50 -28.07
CA ARG A 317 -7.44 -6.43 -28.79
C ARG A 317 -5.96 -6.73 -28.92
N PRO A 318 -5.34 -6.33 -30.03
CA PRO A 318 -3.90 -6.55 -30.21
C PRO A 318 -3.11 -5.81 -29.12
N LEU A 319 -2.00 -6.39 -28.70
CA LEU A 319 -1.20 -5.84 -27.61
C LEU A 319 0.11 -5.26 -28.11
N ARG A 320 0.58 -4.22 -27.43
CA ARG A 320 1.96 -3.77 -27.59
C ARG A 320 2.77 -4.50 -26.55
N VAL A 321 3.58 -5.44 -27.01
CA VAL A 321 4.33 -6.35 -26.15
C VAL A 321 5.81 -5.98 -26.13
N GLY A 322 6.31 -5.46 -25.02
CA GLY A 322 7.74 -5.27 -24.86
C GLY A 322 8.37 -6.64 -24.64
N TYR A 323 9.63 -6.81 -25.02
CA TYR A 323 10.28 -8.10 -24.80
C TYR A 323 11.80 -7.99 -24.73
N TYR A 324 12.42 -8.89 -23.97
CA TYR A 324 13.85 -9.10 -24.07
C TYR A 324 14.19 -10.59 -24.04
N GLU A 325 15.30 -10.92 -24.70
CA GLU A 325 15.78 -12.29 -24.79
C GLU A 325 16.71 -12.59 -23.64
N THR A 326 17.21 -11.54 -23.01
CA THR A 326 18.15 -11.68 -21.92
C THR A 326 18.14 -10.42 -21.07
N ASP A 327 18.41 -10.58 -19.78
CA ASP A 327 18.46 -9.42 -18.92
C ASP A 327 19.89 -8.92 -18.74
N ASN A 328 20.81 -9.46 -19.53
CA ASN A 328 22.24 -9.11 -19.43
C ASN A 328 22.78 -9.32 -18.03
N TYR A 329 22.13 -10.16 -17.25
CA TYR A 329 22.54 -10.45 -15.89
C TYR A 329 22.69 -11.96 -15.69
N THR A 330 21.62 -12.70 -15.93
CA THR A 330 21.68 -14.15 -15.99
C THR A 330 21.58 -14.60 -17.46
N MET A 331 22.66 -15.15 -17.98
CA MET A 331 22.61 -15.70 -19.34
C MET A 331 21.51 -16.75 -19.45
N PRO A 332 20.56 -16.53 -20.37
CA PRO A 332 19.50 -17.54 -20.53
C PRO A 332 20.04 -18.86 -21.07
N SER A 333 19.44 -19.97 -20.67
CA SER A 333 19.78 -21.26 -21.26
C SER A 333 19.27 -21.29 -22.69
N PRO A 334 19.89 -22.12 -23.55
CA PRO A 334 19.40 -22.25 -24.92
C PRO A 334 17.89 -22.51 -24.97
N ALA A 335 17.38 -23.33 -24.06
CA ALA A 335 15.95 -23.56 -24.00
C ALA A 335 15.16 -22.28 -23.67
N MET A 336 15.59 -21.53 -22.66
CA MET A 336 14.92 -20.27 -22.32
C MET A 336 14.88 -19.33 -23.51
N ARG A 337 16.02 -19.18 -24.18
CA ARG A 337 16.13 -18.27 -25.30
C ARG A 337 15.21 -18.70 -26.43
N ARG A 338 15.21 -20.00 -26.75
CA ARG A 338 14.34 -20.53 -27.79
C ARG A 338 12.85 -20.32 -27.41
N ALA A 339 12.51 -20.60 -26.15
CA ALA A 339 11.15 -20.38 -25.68
C ALA A 339 10.72 -18.94 -25.88
N LEU A 340 11.59 -18.00 -25.49
CA LEU A 340 11.29 -16.58 -25.60
C LEU A 340 11.11 -16.18 -27.08
N ILE A 341 12.08 -16.55 -27.90
CA ILE A 341 12.02 -16.19 -29.33
C ILE A 341 10.83 -16.82 -30.08
N GLU A 342 10.57 -18.09 -29.85
CA GLU A 342 9.44 -18.75 -30.51
C GLU A 342 8.13 -18.09 -30.09
N THR A 343 8.00 -17.79 -28.80
CA THR A 343 6.81 -17.09 -28.31
C THR A 343 6.67 -15.72 -28.95
N LYS A 344 7.78 -14.98 -29.02
CA LYS A 344 7.77 -13.67 -29.68
C LYS A 344 7.26 -13.78 -31.12
N GLN A 345 7.81 -14.73 -31.86
CA GLN A 345 7.41 -14.93 -33.26
C GLN A 345 5.94 -15.29 -33.42
N ARG A 346 5.45 -16.15 -32.54
CA ARG A 346 4.05 -16.54 -32.59
C ARG A 346 3.13 -15.36 -32.28
N LEU A 347 3.56 -14.51 -31.36
CA LEU A 347 2.81 -13.29 -31.02
C LEU A 347 2.81 -12.29 -32.17
N GLU A 348 3.96 -12.10 -32.82
CA GLU A 348 4.03 -11.26 -34.00
C GLU A 348 3.13 -11.75 -35.13
N ALA A 349 3.11 -13.07 -35.33
CA ALA A 349 2.31 -13.66 -36.39
C ALA A 349 0.82 -13.55 -36.06
N ALA A 350 0.50 -13.42 -34.78
CA ALA A 350 -0.90 -13.30 -34.36
C ALA A 350 -1.40 -11.85 -34.30
N GLY A 351 -0.60 -10.91 -34.78
CA GLY A 351 -1.04 -9.53 -34.93
C GLY A 351 -0.57 -8.57 -33.83
N HIS A 352 0.15 -9.09 -32.84
CA HIS A 352 0.66 -8.23 -31.78
C HIS A 352 1.97 -7.55 -32.19
N THR A 353 2.25 -6.39 -31.62
CA THR A 353 3.48 -5.65 -31.95
C THR A 353 4.57 -5.93 -30.93
N LEU A 354 5.69 -6.49 -31.37
CA LEU A 354 6.79 -6.81 -30.45
C LEU A 354 7.88 -5.73 -30.45
N ILE A 355 8.15 -5.18 -29.27
CA ILE A 355 9.04 -4.04 -29.10
C ILE A 355 10.19 -4.39 -28.15
N PRO A 356 11.44 -4.32 -28.64
CA PRO A 356 12.57 -4.58 -27.75
C PRO A 356 12.52 -3.62 -26.58
N PHE A 357 12.62 -4.14 -25.36
CA PHE A 357 12.47 -3.33 -24.17
C PHE A 357 13.11 -4.02 -23.01
N LEU A 358 14.01 -3.33 -22.32
CA LEU A 358 14.66 -3.89 -21.14
C LEU A 358 14.61 -2.87 -20.01
N PRO A 359 13.95 -3.22 -18.89
CA PRO A 359 13.92 -2.25 -17.77
C PRO A 359 15.33 -1.75 -17.44
N ASN A 360 15.47 -0.44 -17.19
CA ASN A 360 16.78 0.14 -17.00
C ASN A 360 17.35 -0.29 -15.66
N ASN A 361 18.68 -0.30 -15.57
CA ASN A 361 19.39 -0.52 -14.31
C ASN A 361 18.96 -1.75 -13.50
N ILE A 362 18.87 -2.89 -14.17
CA ILE A 362 18.54 -4.14 -13.50
C ILE A 362 19.55 -4.53 -12.38
N PRO A 363 20.87 -4.39 -12.64
CA PRO A 363 21.85 -4.66 -11.58
C PRO A 363 21.56 -3.90 -10.29
N TYR A 364 21.25 -2.62 -10.42
CA TYR A 364 20.84 -1.77 -9.30
C TYR A 364 19.61 -2.31 -8.58
N ALA A 365 18.54 -2.57 -9.33
CA ALA A 365 17.31 -3.11 -8.77
C ALA A 365 17.53 -4.42 -7.99
N LEU A 366 18.42 -5.26 -8.50
CA LEU A 366 18.64 -6.55 -7.86
C LEU A 366 19.58 -6.42 -6.67
N GLU A 367 20.72 -5.78 -6.88
CA GLU A 367 21.78 -5.78 -5.89
C GLU A 367 21.53 -4.76 -4.78
N VAL A 368 21.01 -3.59 -5.13
CA VAL A 368 20.83 -2.54 -4.14
C VAL A 368 19.41 -2.54 -3.58
N LEU A 369 18.43 -2.43 -4.46
CA LEU A 369 17.05 -2.28 -4.00
C LEU A 369 16.48 -3.57 -3.40
N SER A 370 16.53 -4.66 -4.17
CA SER A 370 15.89 -5.90 -3.74
C SER A 370 16.61 -6.53 -2.57
N THR A 371 17.89 -6.80 -2.76
CA THR A 371 18.71 -7.36 -1.69
C THR A 371 18.68 -6.46 -0.46
N GLY A 372 18.85 -5.16 -0.66
CA GLY A 372 18.89 -4.23 0.45
C GLY A 372 17.55 -4.18 1.15
N GLY A 373 16.47 -4.25 0.37
CA GLY A 373 15.13 -4.31 0.93
C GLY A 373 14.88 -5.58 1.73
N LEU A 374 15.33 -6.71 1.21
CA LEU A 374 15.07 -7.98 1.90
C LEU A 374 15.92 -8.15 3.15
N PHE A 375 17.11 -7.53 3.17
CA PHE A 375 18.06 -7.70 4.27
C PHE A 375 18.53 -6.39 4.90
N SER A 376 17.62 -5.45 5.04
CA SER A 376 17.97 -4.12 5.54
C SER A 376 18.61 -4.21 6.90
N ASP A 377 18.24 -5.24 7.67
CA ASP A 377 18.75 -5.42 9.02
C ASP A 377 19.92 -6.41 9.06
N GLY A 378 20.51 -6.68 7.89
CA GLY A 378 21.64 -7.58 7.82
C GLY A 378 21.27 -9.04 8.04
N GLY A 379 19.97 -9.33 8.04
CA GLY A 379 19.51 -10.69 8.17
C GLY A 379 19.23 -11.12 9.60
N ARG A 380 19.34 -10.19 10.55
CA ARG A 380 19.14 -10.55 11.96
C ARG A 380 17.77 -11.08 12.31
N SER A 381 16.71 -10.52 11.72
CA SER A 381 15.35 -10.98 11.99
C SER A 381 15.14 -12.36 11.38
N PHE A 382 15.63 -12.52 10.16
CA PHE A 382 15.63 -13.80 9.48
C PHE A 382 16.36 -14.87 10.30
N LEU A 383 17.58 -14.56 10.73
CA LEU A 383 18.40 -15.52 11.46
C LEU A 383 17.75 -16.01 12.75
N GLN A 384 16.92 -15.16 13.36
CA GLN A 384 16.25 -15.53 14.59
C GLN A 384 15.51 -16.88 14.47
N ASN A 385 14.91 -17.11 13.30
CA ASN A 385 14.16 -18.34 13.06
C ASN A 385 15.01 -19.61 13.15
N PHE A 386 16.32 -19.46 13.01
CA PHE A 386 17.22 -20.61 12.88
C PHE A 386 17.95 -20.94 14.16
N LYS A 387 17.72 -20.16 15.21
CA LYS A 387 18.39 -20.45 16.47
C LYS A 387 17.96 -21.82 17.00
N GLY A 388 18.96 -22.67 17.25
CA GLY A 388 18.72 -24.01 17.74
C GLY A 388 18.20 -24.99 16.70
N ASP A 389 18.22 -24.59 15.43
CA ASP A 389 17.64 -25.41 14.36
C ASP A 389 18.73 -25.89 13.40
N PHE A 390 18.41 -26.93 12.65
CA PHE A 390 19.26 -27.36 11.55
C PHE A 390 19.11 -26.36 10.42
N VAL A 391 20.13 -26.27 9.57
CA VAL A 391 20.02 -25.48 8.36
C VAL A 391 20.03 -26.45 7.19
N ASP A 392 18.90 -26.54 6.48
CA ASP A 392 18.81 -27.43 5.32
C ASP A 392 19.91 -27.12 4.31
N PRO A 393 20.57 -28.16 3.80
CA PRO A 393 21.59 -28.01 2.76
C PRO A 393 21.07 -27.18 1.58
N CYS A 394 19.78 -27.18 1.35
CA CYS A 394 19.24 -26.48 0.17
C CYS A 394 19.34 -24.97 0.32
N LEU A 395 19.66 -24.48 1.51
CA LEU A 395 19.86 -23.04 1.68
C LEU A 395 21.29 -22.62 1.34
N GLY A 396 22.15 -23.60 1.05
CA GLY A 396 23.54 -23.31 0.73
C GLY A 396 24.21 -22.54 1.85
N ASP A 397 24.90 -21.45 1.49
CA ASP A 397 25.69 -20.69 2.46
C ASP A 397 24.97 -19.45 2.99
N LEU A 398 23.68 -19.30 2.69
CA LEU A 398 22.96 -18.08 3.05
C LEU A 398 23.06 -17.75 4.53
N ILE A 399 22.79 -18.73 5.38
CA ILE A 399 22.82 -18.53 6.82
C ILE A 399 24.20 -18.11 7.31
N LEU A 400 25.20 -18.88 6.89
CA LEU A 400 26.60 -18.61 7.22
C LEU A 400 26.98 -17.18 6.82
N ILE A 401 26.62 -16.78 5.61
CA ILE A 401 26.94 -15.45 5.11
C ILE A 401 26.23 -14.34 5.91
N LEU A 402 24.93 -14.51 6.14
CA LEU A 402 24.16 -13.52 6.87
C LEU A 402 24.71 -13.33 8.28
N ARG A 403 25.29 -14.39 8.85
CA ARG A 403 25.79 -14.37 10.23
C ARG A 403 27.08 -13.58 10.40
N LEU A 404 27.73 -13.23 9.29
CA LEU A 404 28.98 -12.49 9.36
C LEU A 404 28.73 -11.09 9.87
N PRO A 405 29.69 -10.56 10.64
CA PRO A 405 29.66 -9.18 11.12
C PRO A 405 29.62 -8.22 9.93
N SER A 406 28.96 -7.07 10.10
CA SER A 406 28.88 -6.04 9.05
C SER A 406 30.24 -5.61 8.52
N TRP A 407 31.16 -5.28 9.43
CA TRP A 407 32.50 -4.86 9.03
C TRP A 407 33.14 -5.93 8.14
N PHE A 408 32.81 -7.19 8.39
CA PHE A 408 33.44 -8.27 7.65
C PHE A 408 32.79 -8.48 6.28
N LYS A 409 31.46 -8.36 6.20
CA LYS A 409 30.78 -8.33 4.90
C LYS A 409 31.37 -7.19 4.06
N ARG A 410 31.59 -6.03 4.68
CA ARG A 410 32.14 -4.88 3.98
C ARG A 410 33.54 -5.15 3.45
N LEU A 411 34.40 -5.65 4.31
CA LEU A 411 35.77 -5.95 3.93
C LEU A 411 35.84 -7.00 2.84
N LEU A 412 35.08 -8.08 3.03
CA LEU A 412 35.05 -9.16 2.06
C LEU A 412 34.51 -8.64 0.74
N SER A 413 33.54 -7.73 0.84
CA SER A 413 32.96 -7.12 -0.33
C SER A 413 34.02 -6.37 -1.14
N LEU A 414 34.82 -5.53 -0.47
CA LEU A 414 35.86 -4.78 -1.17
C LEU A 414 36.90 -5.69 -1.83
N LEU A 415 37.14 -6.84 -1.24
CA LEU A 415 38.12 -7.79 -1.79
C LEU A 415 37.57 -8.51 -3.02
N LEU A 416 36.28 -8.79 -3.03
CA LEU A 416 35.66 -9.50 -4.14
C LEU A 416 35.45 -8.59 -5.33
N LYS A 417 35.37 -7.29 -5.08
CA LYS A 417 34.85 -6.37 -6.07
C LYS A 417 35.61 -6.35 -7.39
N PRO A 418 36.95 -6.32 -7.34
CA PRO A 418 37.72 -6.28 -8.59
C PRO A 418 37.39 -7.42 -9.54
N LEU A 419 37.35 -8.65 -9.05
CA LEU A 419 37.12 -9.82 -9.90
C LEU A 419 35.67 -10.31 -9.96
N PHE A 420 34.92 -10.13 -8.88
CA PHE A 420 33.56 -10.66 -8.81
C PHE A 420 32.58 -9.61 -8.34
N PRO A 421 32.33 -8.59 -9.18
CA PRO A 421 31.53 -7.44 -8.76
C PRO A 421 30.11 -7.83 -8.36
N ARG A 422 29.53 -8.84 -9.01
CA ARG A 422 28.19 -9.26 -8.66
C ARG A 422 28.14 -9.80 -7.22
N LEU A 423 29.08 -10.67 -6.89
CA LEU A 423 29.18 -11.21 -5.53
C LEU A 423 29.42 -10.10 -4.51
N ALA A 424 30.29 -9.15 -4.86
CA ALA A 424 30.63 -8.06 -3.95
C ALA A 424 29.41 -7.21 -3.66
N ALA A 425 28.64 -6.90 -4.70
CA ALA A 425 27.48 -6.04 -4.57
C ALA A 425 26.42 -6.66 -3.68
N PHE A 426 26.14 -7.94 -3.85
CA PHE A 426 25.13 -8.60 -3.02
C PHE A 426 25.55 -8.56 -1.56
N LEU A 427 26.81 -8.87 -1.32
CA LEU A 427 27.35 -9.00 0.02
C LEU A 427 27.28 -7.67 0.77
N ASN A 428 27.67 -6.61 0.09
CA ASN A 428 27.70 -5.29 0.70
C ASN A 428 26.30 -4.79 1.01
N ASN A 429 25.33 -5.23 0.22
CA ASN A 429 23.96 -4.79 0.39
C ASN A 429 23.14 -5.65 1.36
N MET A 430 23.80 -6.64 1.94
CA MET A 430 23.15 -7.48 2.94
C MET A 430 23.59 -7.07 4.35
N ARG A 431 24.11 -5.85 4.46
CA ARG A 431 24.56 -5.35 5.76
C ARG A 431 23.45 -4.63 6.52
N PRO A 432 23.55 -4.56 7.85
CA PRO A 432 22.49 -3.90 8.61
C PRO A 432 22.63 -2.38 8.46
N ARG A 433 21.56 -1.63 8.68
CA ARG A 433 21.63 -0.18 8.53
C ARG A 433 20.60 0.47 9.43
N SER A 434 20.72 1.79 9.58
CA SER A 434 19.81 2.55 10.44
C SER A 434 18.45 2.73 9.79
N ALA A 435 17.47 3.15 10.58
CA ALA A 435 16.16 3.51 10.07
C ALA A 435 16.31 4.63 9.04
N GLU A 436 17.22 5.56 9.30
CA GLU A 436 17.46 6.67 8.38
C GLU A 436 17.81 6.17 6.97
N LYS A 437 18.75 5.24 6.89
CA LYS A 437 19.16 4.66 5.61
C LYS A 437 18.06 3.78 5.01
N LEU A 438 17.28 3.12 5.85
CA LEU A 438 16.14 2.37 5.33
C LEU A 438 15.14 3.32 4.67
N TRP A 439 14.92 4.49 5.25
CA TRP A 439 14.02 5.46 4.63
C TRP A 439 14.55 5.85 3.25
N LYS A 440 15.85 6.08 3.17
CA LYS A 440 16.49 6.47 1.92
C LYS A 440 16.33 5.36 0.88
N LEU A 441 16.54 4.13 1.32
CA LEU A 441 16.37 2.96 0.45
C LEU A 441 14.92 2.85 -0.05
N GLN A 442 13.96 3.01 0.85
CA GLN A 442 12.54 2.95 0.49
CA GLN A 442 12.56 2.92 0.46
C GLN A 442 12.19 4.02 -0.54
N HIS A 443 12.75 5.22 -0.37
CA HIS A 443 12.50 6.27 -1.34
C HIS A 443 13.09 5.88 -2.71
N GLU A 444 14.28 5.27 -2.71
CA GLU A 444 14.92 4.88 -3.96
C GLU A 444 14.11 3.80 -4.69
N ILE A 445 13.55 2.86 -3.92
CA ILE A 445 12.70 1.82 -4.47
C ILE A 445 11.50 2.47 -5.13
N GLU A 446 10.91 3.44 -4.44
CA GLU A 446 9.77 4.17 -4.98
C GLU A 446 10.14 4.92 -6.28
N MET A 447 11.27 5.63 -6.29
CA MET A 447 11.68 6.34 -7.49
CA MET A 447 11.76 6.34 -7.47
C MET A 447 12.09 5.38 -8.61
N TYR A 448 12.62 4.21 -8.27
CA TYR A 448 12.97 3.27 -9.32
C TYR A 448 11.71 2.72 -10.00
N ARG A 449 10.68 2.49 -9.19
CA ARG A 449 9.39 2.05 -9.71
C ARG A 449 8.85 3.08 -10.70
N GLN A 450 8.92 4.36 -10.30
CA GLN A 450 8.48 5.47 -11.17
C GLN A 450 9.32 5.56 -12.45
N SER A 451 10.60 5.25 -12.34
CA SER A 451 11.50 5.26 -13.49
C SER A 451 11.06 4.21 -14.51
N VAL A 452 10.92 2.96 -14.09
CA VAL A 452 10.55 1.88 -15.02
C VAL A 452 9.15 2.12 -15.59
N ILE A 453 8.25 2.66 -14.78
CA ILE A 453 6.91 2.98 -15.26
C ILE A 453 6.99 4.04 -16.37
N ALA A 454 7.82 5.05 -16.17
CA ALA A 454 7.99 6.08 -17.21
C ALA A 454 8.67 5.50 -18.47
N GLN A 455 9.65 4.62 -18.26
CA GLN A 455 10.31 3.95 -19.38
C GLN A 455 9.29 3.15 -20.18
N TRP A 456 8.41 2.47 -19.45
CA TRP A 456 7.37 1.61 -20.01
C TRP A 456 6.36 2.45 -20.80
N LYS A 457 5.98 3.59 -20.25
CA LYS A 457 5.02 4.46 -20.89
C LYS A 457 5.61 5.21 -22.09
N ALA A 458 6.91 5.47 -22.08
CA ALA A 458 7.53 6.14 -23.21
C ALA A 458 7.52 5.23 -24.45
N MET A 459 7.44 3.92 -24.24
CA MET A 459 7.33 2.98 -25.34
C MET A 459 5.87 2.56 -25.57
N ASN A 460 4.95 3.15 -24.81
CA ASN A 460 3.54 2.82 -24.91
CA ASN A 460 3.54 2.81 -24.92
C ASN A 460 3.26 1.31 -24.86
N LEU A 461 3.96 0.60 -23.98
CA LEU A 461 3.72 -0.84 -23.79
C LEU A 461 2.37 -1.14 -23.11
N ASP A 462 1.81 -2.30 -23.42
CA ASP A 462 0.68 -2.87 -22.66
C ASP A 462 1.18 -3.90 -21.67
N VAL A 463 2.09 -4.75 -22.15
CA VAL A 463 2.61 -5.85 -21.37
C VAL A 463 4.04 -6.12 -21.77
N LEU A 464 4.72 -6.92 -20.97
CA LEU A 464 6.13 -7.17 -21.18
C LEU A 464 6.34 -8.69 -21.15
N LEU A 465 7.04 -9.20 -22.16
CA LEU A 465 7.34 -10.63 -22.29
C LEU A 465 8.81 -10.83 -21.93
N THR A 466 9.10 -11.73 -20.99
CA THR A 466 10.49 -11.96 -20.59
C THR A 466 10.82 -13.42 -20.52
N PRO A 467 12.12 -13.76 -20.50
CA PRO A 467 12.51 -15.15 -20.28
C PRO A 467 12.16 -15.52 -18.86
N MET A 468 12.02 -16.80 -18.59
CA MET A 468 11.80 -17.28 -17.23
C MET A 468 12.83 -18.36 -16.97
N LEU A 469 13.44 -18.35 -15.79
CA LEU A 469 14.47 -19.33 -15.48
C LEU A 469 13.98 -20.75 -15.74
N GLY A 470 14.78 -21.52 -16.46
CA GLY A 470 14.44 -22.90 -16.79
C GLY A 470 15.50 -23.50 -17.71
N PRO A 471 15.54 -24.84 -17.84
CA PRO A 471 14.69 -25.83 -17.16
C PRO A 471 15.08 -25.98 -15.71
N ALA A 472 14.33 -26.80 -14.97
CA ALA A 472 14.57 -27.01 -13.54
C ALA A 472 16.02 -27.32 -13.22
N LEU A 473 16.54 -26.69 -12.18
CA LEU A 473 17.88 -26.97 -11.71
C LEU A 473 17.94 -28.28 -10.92
N ASP A 474 19.09 -28.95 -10.95
CA ASP A 474 19.33 -30.10 -10.09
C ASP A 474 19.06 -29.75 -8.62
N LEU A 475 18.61 -30.72 -7.85
CA LEU A 475 18.37 -30.53 -6.42
C LEU A 475 19.58 -29.93 -5.72
N ASN A 476 19.33 -29.08 -4.73
CA ASN A 476 20.36 -28.45 -3.91
C ASN A 476 21.29 -27.49 -4.64
N THR A 477 20.92 -27.08 -5.85
CA THR A 477 21.68 -26.03 -6.54
C THR A 477 21.07 -24.62 -6.49
N PRO A 478 19.73 -24.48 -6.39
CA PRO A 478 19.19 -23.12 -6.36
C PRO A 478 19.85 -22.25 -5.30
N GLY A 479 20.09 -22.81 -4.12
CA GLY A 479 20.68 -22.07 -3.02
C GLY A 479 22.11 -21.64 -3.28
N ARG A 480 22.68 -22.14 -4.38
CA ARG A 480 24.04 -21.77 -4.77
C ARG A 480 24.08 -21.04 -6.10
N ALA A 481 22.90 -20.71 -6.61
CA ALA A 481 22.78 -19.94 -7.84
C ALA A 481 21.84 -18.76 -7.63
N THR A 482 22.17 -17.93 -6.63
CA THR A 482 21.34 -16.79 -6.26
C THR A 482 21.14 -15.79 -7.41
N GLY A 483 22.15 -15.63 -8.24
CA GLY A 483 22.06 -14.72 -9.37
C GLY A 483 20.87 -15.00 -10.27
N ALA A 484 20.51 -16.28 -10.38
CA ALA A 484 19.45 -16.70 -11.30
C ALA A 484 18.06 -16.19 -10.91
N VAL A 485 17.91 -15.57 -9.74
CA VAL A 485 16.63 -14.98 -9.40
C VAL A 485 16.40 -13.67 -10.17
N SER A 486 17.36 -13.27 -10.99
CA SER A 486 17.27 -11.99 -11.70
C SER A 486 15.97 -11.81 -12.51
N TYR A 487 15.57 -12.85 -13.24
CA TYR A 487 14.39 -12.72 -14.11
C TYR A 487 13.09 -12.51 -13.32
N THR A 488 13.02 -13.05 -12.10
CA THR A 488 11.77 -12.97 -11.34
C THR A 488 11.78 -11.83 -10.33
N MET A 489 12.89 -11.67 -9.62
CA MET A 489 12.91 -10.76 -8.50
C MET A 489 12.78 -9.29 -8.91
N LEU A 490 13.20 -8.97 -10.11
CA LEU A 490 13.00 -7.63 -10.64
C LEU A 490 11.55 -7.17 -10.43
N TYR A 491 10.59 -8.07 -10.62
CA TYR A 491 9.17 -7.69 -10.54
C TYR A 491 8.56 -7.70 -9.16
N ASN A 492 9.28 -8.31 -8.20
CA ASN A 492 8.93 -8.11 -6.81
C ASN A 492 9.40 -6.72 -6.40
N CYS A 493 10.59 -6.36 -6.85
CA CYS A 493 11.15 -5.05 -6.52
C CYS A 493 10.21 -3.95 -7.04
N LEU A 494 9.79 -4.09 -8.29
CA LEU A 494 8.94 -3.11 -8.94
C LEU A 494 7.49 -3.27 -8.50
N ASP A 495 7.18 -4.41 -7.89
CA ASP A 495 5.80 -4.75 -7.53
C ASP A 495 4.84 -4.65 -8.74
N PHE A 496 5.15 -5.41 -9.80
CA PHE A 496 4.31 -5.55 -10.99
C PHE A 496 3.74 -6.97 -10.98
N PRO A 497 2.48 -7.15 -11.39
CA PRO A 497 1.98 -8.51 -11.55
C PRO A 497 2.81 -9.22 -12.61
N ALA A 498 3.17 -10.47 -12.36
CA ALA A 498 3.96 -11.25 -13.30
C ALA A 498 3.53 -12.71 -13.19
N GLY A 499 3.42 -13.37 -14.33
CA GLY A 499 3.00 -14.76 -14.34
C GLY A 499 3.83 -15.58 -15.31
N VAL A 500 3.82 -16.90 -15.15
CA VAL A 500 4.57 -17.74 -16.06
C VAL A 500 3.67 -18.79 -16.70
N VAL A 501 3.99 -19.13 -17.95
CA VAL A 501 3.23 -20.06 -18.76
C VAL A 501 4.23 -21.02 -19.41
N PRO A 502 3.98 -22.35 -19.33
CA PRO A 502 4.87 -23.31 -20.01
C PRO A 502 4.64 -23.22 -21.51
N VAL A 503 5.71 -23.13 -22.30
CA VAL A 503 5.54 -22.98 -23.74
C VAL A 503 6.27 -24.03 -24.57
N THR A 504 7.22 -24.75 -23.96
CA THR A 504 7.99 -25.76 -24.69
C THR A 504 8.69 -26.73 -23.74
N THR A 505 9.41 -27.70 -24.30
CA THR A 505 10.22 -28.60 -23.49
C THR A 505 11.64 -28.61 -24.03
N VAL A 506 12.59 -28.98 -23.17
CA VAL A 506 13.99 -29.02 -23.56
C VAL A 506 14.23 -30.14 -24.56
N THR A 507 14.81 -29.80 -25.71
CA THR A 507 15.14 -30.78 -26.73
C THR A 507 16.56 -31.30 -26.55
N ALA A 508 16.90 -32.37 -27.28
CA ALA A 508 18.26 -32.91 -27.26
C ALA A 508 19.27 -31.84 -27.66
N GLU A 509 18.89 -30.99 -28.60
CA GLU A 509 19.75 -29.91 -29.09
C GLU A 509 19.95 -28.79 -28.05
N ASP A 510 18.85 -28.34 -27.44
CA ASP A 510 18.89 -27.35 -26.37
C ASP A 510 19.88 -27.78 -25.29
N ASP A 511 19.77 -29.05 -24.91
CA ASP A 511 20.59 -29.61 -23.84
C ASP A 511 22.06 -29.70 -24.25
N ALA A 512 22.30 -30.14 -25.47
CA ALA A 512 23.66 -30.25 -25.97
C ALA A 512 24.34 -28.88 -26.00
N GLN A 513 23.55 -27.84 -26.25
CA GLN A 513 24.09 -26.48 -26.37
C GLN A 513 24.45 -25.85 -25.03
N MET A 514 24.07 -26.51 -23.93
CA MET A 514 24.50 -26.08 -22.60
C MET A 514 26.02 -26.13 -22.42
N GLU A 515 26.68 -27.03 -23.16
CA GLU A 515 28.13 -27.16 -23.08
C GLU A 515 28.83 -25.87 -23.52
N LEU A 516 28.12 -25.07 -24.30
CA LEU A 516 28.68 -23.80 -24.79
C LEU A 516 28.27 -22.64 -23.89
N TYR A 517 27.48 -22.94 -22.85
CA TYR A 517 26.96 -21.92 -21.96
C TYR A 517 28.05 -21.20 -21.18
N LYS A 518 27.98 -19.87 -21.20
CA LYS A 518 28.85 -18.99 -20.41
C LYS A 518 28.00 -17.87 -19.82
N GLY A 519 28.11 -17.69 -18.50
CA GLY A 519 27.43 -16.57 -17.86
C GLY A 519 28.14 -15.29 -18.25
N TYR A 520 27.54 -14.15 -17.91
CA TYR A 520 28.18 -12.86 -18.16
C TYR A 520 29.23 -12.53 -17.12
N PHE A 521 29.19 -13.18 -15.97
CA PHE A 521 30.10 -12.85 -14.89
C PHE A 521 31.23 -13.85 -14.69
N GLY A 522 30.96 -15.13 -14.96
CA GLY A 522 31.95 -16.17 -14.76
C GLY A 522 32.21 -16.40 -13.28
N ASP A 523 31.29 -15.96 -12.43
CA ASP A 523 31.46 -16.19 -11.00
C ASP A 523 30.86 -17.54 -10.65
N ILE A 524 30.91 -17.92 -9.37
CA ILE A 524 30.44 -19.24 -8.96
C ILE A 524 28.97 -19.46 -9.28
N TRP A 525 28.18 -18.39 -9.26
CA TRP A 525 26.75 -18.52 -9.58
C TRP A 525 26.53 -18.93 -11.04
N ASP A 526 27.32 -18.36 -11.95
CA ASP A 526 27.25 -18.77 -13.35
C ASP A 526 27.73 -20.20 -13.55
N ILE A 527 28.78 -20.58 -12.82
CA ILE A 527 29.33 -21.91 -12.91
C ILE A 527 28.37 -22.97 -12.37
N ILE A 528 27.77 -22.70 -11.22
CA ILE A 528 26.79 -23.62 -10.64
C ILE A 528 25.59 -23.80 -11.56
N LEU A 529 25.11 -22.69 -12.09
CA LEU A 529 23.90 -22.70 -12.91
C LEU A 529 24.10 -23.54 -14.17
N LYS A 530 25.26 -23.40 -14.80
CA LYS A 530 25.56 -24.13 -16.03
C LYS A 530 25.40 -25.63 -15.83
N LYS A 531 26.08 -26.18 -14.83
CA LYS A 531 25.96 -27.59 -14.54
C LYS A 531 24.53 -27.94 -14.07
N ALA A 532 23.90 -27.06 -13.30
CA ALA A 532 22.57 -27.33 -12.76
C ALA A 532 21.48 -27.47 -13.83
N MET A 533 21.63 -26.80 -14.96
CA MET A 533 20.63 -26.85 -16.02
C MET A 533 20.85 -27.97 -17.05
N LYS A 534 21.96 -28.70 -16.93
CA LYS A 534 22.22 -29.80 -17.84
C LYS A 534 21.36 -31.02 -17.49
N ASN A 535 21.33 -32.00 -18.39
CA ASN A 535 20.56 -33.23 -18.18
C ASN A 535 19.06 -32.95 -18.02
N SER A 536 18.52 -32.12 -18.90
CA SER A 536 17.16 -31.62 -18.74
C SER A 536 16.25 -31.97 -19.90
N VAL A 537 16.70 -32.84 -20.80
CA VAL A 537 15.89 -33.23 -21.94
C VAL A 537 14.48 -33.63 -21.49
N GLY A 538 13.47 -33.09 -22.16
CA GLY A 538 12.10 -33.42 -21.84
C GLY A 538 11.44 -32.54 -20.78
N LEU A 539 12.23 -31.75 -20.06
CA LEU A 539 11.68 -30.85 -19.03
C LEU A 539 11.03 -29.60 -19.59
N PRO A 540 9.99 -29.10 -18.91
CA PRO A 540 9.25 -27.95 -19.40
C PRO A 540 10.03 -26.63 -19.23
N VAL A 541 9.74 -25.69 -20.12
CA VAL A 541 10.35 -24.37 -20.10
C VAL A 541 9.27 -23.33 -20.35
N ALA A 542 9.35 -22.23 -19.62
CA ALA A 542 8.30 -21.21 -19.65
C ALA A 542 8.80 -19.84 -20.11
N VAL A 543 7.86 -18.92 -20.34
CA VAL A 543 8.18 -17.51 -20.42
C VAL A 543 7.41 -16.79 -19.31
N GLN A 544 7.77 -15.54 -19.07
CA GLN A 544 7.12 -14.74 -18.04
C GLN A 544 6.36 -13.57 -18.67
N CYS A 545 5.15 -13.32 -18.18
CA CYS A 545 4.32 -12.23 -18.66
C CYS A 545 4.14 -11.18 -17.57
N VAL A 546 4.30 -9.92 -17.93
CA VAL A 546 4.30 -8.85 -16.94
C VAL A 546 3.36 -7.73 -17.37
N ALA A 547 2.64 -7.17 -16.41
CA ALA A 547 1.87 -5.94 -16.64
C ALA A 547 2.15 -4.91 -15.54
N LEU A 548 1.54 -3.73 -15.65
CA LEU A 548 1.73 -2.69 -14.66
C LEU A 548 1.01 -3.01 -13.36
N PRO A 549 1.38 -2.33 -12.26
CA PRO A 549 0.70 -2.55 -10.97
C PRO A 549 -0.82 -2.53 -11.13
N TRP A 550 -1.49 -3.46 -10.43
CA TRP A 550 -2.94 -3.56 -10.41
C TRP A 550 -3.56 -4.04 -11.72
N GLN A 551 -2.71 -4.46 -12.66
N GLN A 551 -2.73 -4.47 -12.66
CA GLN A 551 -3.16 -4.94 -13.96
CA GLN A 551 -3.26 -4.94 -13.94
C GLN A 551 -3.13 -6.48 -14.08
C GLN A 551 -3.16 -6.47 -14.08
N GLU A 552 -3.56 -7.19 -13.05
CA GLU A 552 -3.58 -8.65 -13.08
C GLU A 552 -4.41 -9.20 -14.24
N GLU A 553 -5.55 -8.58 -14.50
CA GLU A 553 -6.43 -9.05 -15.55
C GLU A 553 -5.75 -8.96 -16.91
N LEU A 554 -5.06 -7.85 -17.17
CA LEU A 554 -4.34 -7.68 -18.43
C LEU A 554 -3.20 -8.69 -18.52
N CYS A 555 -2.52 -8.90 -17.39
CA CYS A 555 -1.46 -9.89 -17.35
C CYS A 555 -2.01 -11.29 -17.69
N LEU A 556 -3.16 -11.66 -17.10
CA LEU A 556 -3.80 -12.94 -17.41
C LEU A 556 -4.27 -12.99 -18.88
N ARG A 557 -4.80 -11.87 -19.39
CA ARG A 557 -5.24 -11.81 -20.78
C ARG A 557 -4.06 -12.21 -21.69
N PHE A 558 -2.90 -11.68 -21.35
CA PHE A 558 -1.69 -11.91 -22.11
C PHE A 558 -1.20 -13.35 -21.96
N MET A 559 -1.20 -13.86 -20.73
CA MET A 559 -0.85 -15.24 -20.48
C MET A 559 -1.76 -16.21 -21.22
N ARG A 560 -3.06 -15.90 -21.25
CA ARG A 560 -4.03 -16.70 -21.97
C ARG A 560 -3.64 -16.76 -23.46
N GLU A 561 -3.25 -15.63 -24.01
CA GLU A 561 -2.81 -15.56 -25.40
C GLU A 561 -1.56 -16.40 -25.64
N VAL A 562 -0.55 -16.22 -24.80
CA VAL A 562 0.66 -17.02 -24.94
C VAL A 562 0.31 -18.51 -24.90
N GLU A 563 -0.51 -18.90 -23.92
CA GLU A 563 -0.89 -20.28 -23.76
C GLU A 563 -1.62 -20.80 -25.00
N GLN A 564 -2.52 -19.98 -25.53
CA GLN A 564 -3.28 -20.41 -26.69
C GLN A 564 -2.37 -20.61 -27.89
N LEU A 565 -1.39 -19.73 -28.07
CA LEU A 565 -0.54 -19.76 -29.25
C LEU A 565 0.56 -20.82 -29.21
N MET A 566 1.04 -21.14 -28.02
CA MET A 566 2.16 -22.06 -27.89
C MET A 566 1.75 -23.49 -27.50
N THR A 567 0.58 -23.63 -26.90
CA THR A 567 0.06 -24.93 -26.51
C THR A 567 -1.45 -24.91 -26.70
N PRO A 568 -1.89 -24.96 -27.97
CA PRO A 568 -3.29 -24.74 -28.36
C PRO A 568 -4.31 -25.66 -27.68
N GLN A 569 -3.85 -26.79 -27.12
CA GLN A 569 -4.76 -27.80 -26.56
C GLN A 569 -5.23 -27.49 -25.14
N LYS A 570 -4.68 -26.44 -24.52
CA LYS A 570 -5.04 -26.06 -23.16
C LYS A 570 -6.42 -25.37 -23.08
N GLN A 571 -6.96 -24.96 -24.23
CA GLN A 571 -8.18 -24.16 -24.25
C GLN A 571 -9.28 -24.77 -25.12
N TRP B 25 26.89 26.72 11.63
CA TRP B 25 25.58 26.90 11.00
C TRP B 25 24.77 28.01 11.67
N THR B 26 25.46 29.07 12.10
CA THR B 26 24.82 30.18 12.79
C THR B 26 24.53 31.37 11.87
N GLY B 27 25.23 31.42 10.73
CA GLY B 27 25.04 32.50 9.76
C GLY B 27 23.69 32.42 9.08
N ARG B 28 22.98 33.54 9.05
CA ARG B 28 21.63 33.57 8.50
C ARG B 28 21.55 34.35 7.18
N GLN B 29 22.68 34.72 6.63
CA GLN B 29 22.69 35.50 5.42
C GLN B 29 21.93 34.83 4.27
N LYS B 30 22.13 33.54 4.07
CA LYS B 30 21.40 32.85 3.00
C LYS B 30 19.90 32.82 3.28
N ALA B 31 19.53 32.56 4.53
CA ALA B 31 18.11 32.50 4.89
C ALA B 31 17.45 33.88 4.71
N ARG B 32 18.18 34.94 5.06
CA ARG B 32 17.67 36.30 4.90
C ARG B 32 17.41 36.65 3.43
N GLY B 33 18.34 36.28 2.56
CA GLY B 33 18.18 36.52 1.14
C GLY B 33 16.97 35.78 0.58
N ALA B 34 16.79 34.54 1.02
CA ALA B 34 15.65 33.74 0.56
C ALA B 34 14.33 34.42 0.94
N ALA B 35 14.23 34.86 2.20
CA ALA B 35 13.02 35.53 2.68
C ALA B 35 12.74 36.81 1.91
N THR B 36 13.81 37.54 1.59
CA THR B 36 13.69 38.77 0.81
C THR B 36 13.13 38.47 -0.58
N ARG B 37 13.70 37.49 -1.26
CA ARG B 37 13.20 37.08 -2.56
C ARG B 37 11.77 36.55 -2.51
N ALA B 38 11.43 35.77 -1.48
CA ALA B 38 10.10 35.19 -1.37
C ALA B 38 9.06 36.26 -1.10
N ARG B 39 9.37 37.18 -0.19
CA ARG B 39 8.48 38.29 0.10
C ARG B 39 8.22 39.16 -1.13
N GLN B 40 9.24 39.37 -1.96
CA GLN B 40 9.07 40.17 -3.17
C GLN B 40 8.21 39.46 -4.20
N LYS B 41 8.39 38.13 -4.30
CA LYS B 41 7.60 37.32 -5.22
C LYS B 41 6.14 37.28 -4.80
N GLN B 42 5.90 37.14 -3.49
CA GLN B 42 4.54 37.19 -2.97
C GLN B 42 3.92 38.55 -3.25
N ARG B 43 4.69 39.60 -2.96
CA ARG B 43 4.21 40.97 -3.15
C ARG B 43 3.82 41.21 -4.61
N ALA B 44 4.67 40.78 -5.53
CA ALA B 44 4.41 40.96 -6.94
C ALA B 44 3.23 40.10 -7.39
N SER B 45 3.15 38.87 -6.88
CA SER B 45 2.00 38.00 -7.15
C SER B 45 0.70 38.71 -6.81
N LEU B 46 0.64 39.29 -5.60
CA LEU B 46 -0.57 39.96 -5.14
C LEU B 46 -0.90 41.17 -6.01
N GLU B 47 0.13 41.89 -6.43
CA GLU B 47 -0.07 43.06 -7.29
C GLU B 47 -0.61 42.63 -8.65
N THR B 48 -0.02 41.58 -9.22
CA THR B 48 -0.50 40.99 -10.46
C THR B 48 -1.98 40.62 -10.37
N MET B 49 -2.34 39.90 -9.31
CA MET B 49 -3.73 39.50 -9.08
C MET B 49 -4.63 40.72 -9.03
N ASP B 50 -4.18 41.72 -8.29
CA ASP B 50 -4.96 42.94 -8.09
C ASP B 50 -5.22 43.64 -9.43
N LYS B 51 -4.21 43.68 -10.29
CA LYS B 51 -4.37 44.33 -11.59
C LYS B 51 -5.34 43.56 -12.50
N ALA B 52 -5.20 42.24 -12.56
CA ALA B 52 -6.12 41.44 -13.38
C ALA B 52 -7.57 41.62 -12.91
N VAL B 53 -7.77 41.54 -11.60
CA VAL B 53 -9.08 41.74 -10.99
C VAL B 53 -9.70 43.10 -11.35
N GLN B 54 -8.91 44.16 -11.23
CA GLN B 54 -9.38 45.51 -11.54
C GLN B 54 -9.73 45.65 -13.01
N ARG B 55 -8.88 45.09 -13.86
CA ARG B 55 -9.13 45.10 -15.30
C ARG B 55 -10.41 44.34 -15.63
N PHE B 56 -10.67 43.25 -14.90
CA PHE B 56 -11.90 42.51 -15.15
C PHE B 56 -13.14 43.28 -14.67
N ARG B 57 -13.08 43.80 -13.45
CA ARG B 57 -14.21 44.55 -12.91
C ARG B 57 -14.59 45.78 -13.73
N LEU B 58 -13.61 46.38 -14.39
CA LEU B 58 -13.88 47.51 -15.26
C LEU B 58 -14.73 47.09 -16.45
N GLN B 59 -14.40 45.92 -17.00
CA GLN B 59 -15.10 45.41 -18.17
C GLN B 59 -16.46 44.80 -17.81
N ASN B 60 -16.66 44.49 -16.53
CA ASN B 60 -17.89 43.82 -16.10
C ASN B 60 -18.50 44.42 -14.82
N PRO B 61 -18.87 45.70 -14.86
CA PRO B 61 -19.33 46.36 -13.63
C PRO B 61 -20.67 45.84 -13.13
N ASP B 62 -21.42 45.13 -13.98
CA ASP B 62 -22.77 44.72 -13.64
C ASP B 62 -22.86 43.30 -13.09
N LEU B 63 -21.73 42.59 -13.10
CA LEU B 63 -21.68 41.24 -12.56
C LEU B 63 -22.05 41.24 -11.07
N ASP B 64 -22.99 40.40 -10.70
CA ASP B 64 -23.36 40.23 -9.29
C ASP B 64 -22.38 39.26 -8.63
N SER B 65 -21.28 39.82 -8.12
CA SER B 65 -20.19 39.01 -7.59
C SER B 65 -20.57 38.26 -6.32
N GLU B 66 -21.43 38.85 -5.50
CA GLU B 66 -21.85 38.24 -4.24
C GLU B 66 -22.62 36.95 -4.48
N ALA B 67 -23.57 37.01 -5.40
CA ALA B 67 -24.41 35.86 -5.71
C ALA B 67 -23.53 34.71 -6.17
N LEU B 68 -22.51 35.04 -6.95
CA LEU B 68 -21.62 34.05 -7.52
C LEU B 68 -20.76 33.41 -6.42
N LEU B 69 -20.27 34.24 -5.51
CA LEU B 69 -19.36 33.78 -4.46
C LEU B 69 -20.06 32.92 -3.42
N THR B 70 -21.37 33.12 -3.26
CA THR B 70 -22.10 32.35 -2.26
C THR B 70 -22.78 31.09 -2.84
N LEU B 71 -22.73 30.92 -4.16
CA LEU B 71 -23.18 29.66 -4.78
C LEU B 71 -22.41 28.46 -4.25
N PRO B 72 -23.13 27.46 -3.73
CA PRO B 72 -22.45 26.19 -3.42
C PRO B 72 -21.77 25.63 -4.68
N LEU B 73 -20.66 24.92 -4.49
CA LEU B 73 -19.87 24.45 -5.62
C LEU B 73 -20.68 23.69 -6.67
N LEU B 74 -21.57 22.82 -6.21
CA LEU B 74 -22.37 21.99 -7.11
C LEU B 74 -23.19 22.86 -8.07
N GLN B 75 -23.75 23.95 -7.56
CA GLN B 75 -24.51 24.88 -8.40
C GLN B 75 -23.60 25.73 -9.27
N LEU B 76 -22.44 26.10 -8.75
CA LEU B 76 -21.43 26.82 -9.52
C LEU B 76 -20.99 25.98 -10.74
N VAL B 77 -20.59 24.74 -10.45
CA VAL B 77 -20.24 23.77 -11.49
C VAL B 77 -21.36 23.63 -12.53
N GLN B 78 -22.59 23.58 -12.06
CA GLN B 78 -23.72 23.41 -12.97
C GLN B 78 -23.91 24.63 -13.88
N LYS B 79 -23.65 25.81 -13.35
CA LYS B 79 -23.79 27.05 -14.13
C LYS B 79 -22.61 27.22 -15.09
N LEU B 80 -21.44 26.81 -14.65
CA LEU B 80 -20.29 26.79 -15.53
C LEU B 80 -20.54 25.82 -16.69
N GLN B 81 -21.11 24.67 -16.37
CA GLN B 81 -21.35 23.64 -17.38
C GLN B 81 -22.37 24.10 -18.41
N SER B 82 -23.39 24.84 -17.98
CA SER B 82 -24.44 25.28 -18.88
C SER B 82 -24.07 26.56 -19.68
N GLY B 83 -23.03 27.26 -19.24
CA GLY B 83 -22.66 28.50 -19.90
C GLY B 83 -23.36 29.70 -19.30
N GLU B 84 -24.20 29.47 -18.29
CA GLU B 84 -24.84 30.57 -17.58
C GLU B 84 -23.77 31.47 -16.97
N LEU B 85 -22.72 30.86 -16.43
CA LEU B 85 -21.57 31.61 -15.92
C LEU B 85 -20.35 31.27 -16.76
N SER B 86 -19.62 32.29 -17.20
CA SER B 86 -18.40 32.07 -17.96
C SER B 86 -17.27 31.76 -16.99
N PRO B 87 -16.28 30.97 -17.45
CA PRO B 87 -15.13 30.68 -16.58
C PRO B 87 -14.41 31.97 -16.14
N GLU B 88 -14.35 32.98 -17.02
CA GLU B 88 -13.68 34.26 -16.68
C GLU B 88 -14.34 34.97 -15.51
N ALA B 89 -15.66 35.04 -15.52
CA ALA B 89 -16.41 35.68 -14.45
C ALA B 89 -16.15 34.98 -13.12
N VAL B 90 -16.26 33.66 -13.13
CA VAL B 90 -16.03 32.88 -11.91
C VAL B 90 -14.59 33.07 -11.43
N PHE B 91 -13.64 33.00 -12.36
CA PHE B 91 -12.23 33.09 -12.02
C PHE B 91 -11.90 34.45 -11.37
N PHE B 92 -12.14 35.53 -12.09
CA PHE B 92 -11.77 36.85 -11.58
C PHE B 92 -12.55 37.30 -10.35
N THR B 93 -13.78 36.81 -10.19
CA THR B 93 -14.58 37.15 -9.02
C THR B 93 -13.98 36.45 -7.81
N TYR B 94 -13.65 35.18 -7.98
CA TYR B 94 -12.96 34.45 -6.93
C TYR B 94 -11.55 35.02 -6.69
N LEU B 95 -10.86 35.39 -7.75
CA LEU B 95 -9.54 36.01 -7.60
C LEU B 95 -9.62 37.27 -6.73
N GLY B 96 -10.60 38.11 -7.03
CA GLY B 96 -10.80 39.34 -6.29
C GLY B 96 -11.07 39.03 -4.82
N LYS B 97 -11.92 38.05 -4.58
CA LYS B 97 -12.27 37.68 -3.21
C LYS B 97 -11.06 37.17 -2.47
N ALA B 98 -10.25 36.35 -3.13
CA ALA B 98 -9.02 35.81 -2.55
C ALA B 98 -8.06 36.93 -2.21
N TRP B 99 -7.92 37.89 -3.12
CA TRP B 99 -7.04 39.03 -2.88
C TRP B 99 -7.49 39.82 -1.66
N GLU B 100 -8.79 40.03 -1.52
CA GLU B 100 -9.33 40.80 -0.41
C GLU B 100 -9.21 40.06 0.92
N VAL B 101 -9.61 38.79 0.96
CA VAL B 101 -9.57 38.09 2.24
C VAL B 101 -8.13 37.90 2.66
N ASN B 102 -7.22 37.81 1.68
CA ASN B 102 -5.80 37.67 2.00
C ASN B 102 -5.26 38.85 2.81
N LYS B 103 -5.88 40.02 2.65
CA LYS B 103 -5.45 41.20 3.39
C LYS B 103 -5.48 40.99 4.90
N GLY B 104 -6.48 40.28 5.39
CA GLY B 104 -6.60 40.04 6.82
C GLY B 104 -6.06 38.69 7.29
N THR B 105 -5.67 37.81 6.37
CA THR B 105 -5.27 36.47 6.77
C THR B 105 -3.85 36.09 6.36
N ASN B 106 -3.33 36.73 5.31
CA ASN B 106 -2.02 36.37 4.76
C ASN B 106 -1.97 34.86 4.46
N CYS B 107 -2.93 34.39 3.67
CA CYS B 107 -3.01 32.97 3.33
C CYS B 107 -2.44 32.61 1.96
N VAL B 108 -2.27 33.60 1.09
CA VAL B 108 -1.84 33.36 -0.29
C VAL B 108 -0.34 33.67 -0.44
N THR B 109 0.45 32.69 -0.87
CA THR B 109 1.89 32.93 -1.01
C THR B 109 2.28 33.25 -2.43
N SER B 110 1.50 32.75 -3.38
CA SER B 110 1.88 32.86 -4.78
C SER B 110 0.66 32.75 -5.67
N TYR B 111 0.62 33.60 -6.69
CA TYR B 111 -0.41 33.54 -7.71
C TYR B 111 0.14 32.66 -8.84
N LEU B 112 -0.58 31.61 -9.21
CA LEU B 112 -0.09 30.66 -10.20
C LEU B 112 -0.15 31.33 -11.58
N THR B 113 1.00 31.77 -12.06
CA THR B 113 1.08 32.75 -13.14
C THR B 113 0.26 32.43 -14.40
N ASP B 114 0.52 31.25 -14.97
CA ASP B 114 -0.06 30.87 -16.25
C ASP B 114 -1.54 30.49 -16.18
N CYS B 115 -2.15 30.57 -15.00
CA CYS B 115 -3.51 30.06 -14.85
C CYS B 115 -4.56 30.82 -15.68
N GLU B 116 -4.23 32.02 -16.15
CA GLU B 116 -5.15 32.78 -17.00
C GLU B 116 -5.29 32.16 -18.40
N THR B 117 -4.26 31.44 -18.83
CA THR B 117 -4.30 30.75 -20.12
C THR B 117 -4.77 29.30 -19.97
N GLN B 118 -4.58 28.73 -18.78
CA GLN B 118 -5.17 27.43 -18.44
C GLN B 118 -6.68 27.57 -18.48
N LEU B 119 -7.14 28.69 -17.97
CA LEU B 119 -8.56 29.07 -17.95
C LEU B 119 -9.20 28.95 -19.33
N SER B 120 -8.52 29.43 -20.36
CA SER B 120 -9.09 29.44 -21.70
C SER B 120 -8.89 28.12 -22.47
N GLN B 121 -8.34 27.11 -21.80
CA GLN B 121 -8.11 25.81 -22.42
C GLN B 121 -8.73 24.66 -21.62
N ALA B 122 -9.42 25.01 -20.54
CA ALA B 122 -10.05 24.02 -19.68
C ALA B 122 -10.96 23.09 -20.47
N PRO B 123 -10.74 21.76 -20.37
CA PRO B 123 -11.60 20.80 -21.08
C PRO B 123 -13.08 21.00 -20.71
N ARG B 124 -13.87 21.33 -21.72
CA ARG B 124 -15.26 21.74 -21.54
C ARG B 124 -16.11 20.64 -20.90
N GLN B 125 -15.68 19.38 -21.04
CA GLN B 125 -16.42 18.28 -20.43
C GLN B 125 -15.86 17.84 -19.07
N GLY B 126 -14.92 18.60 -18.53
CA GLY B 126 -14.35 18.24 -17.24
C GLY B 126 -15.40 18.29 -16.14
N LEU B 127 -15.29 17.40 -15.16
CA LEU B 127 -16.21 17.43 -14.04
C LEU B 127 -16.00 18.68 -13.17
N LEU B 128 -14.91 19.41 -13.41
CA LEU B 128 -14.63 20.62 -12.63
C LEU B 128 -14.39 21.84 -13.53
N TYR B 129 -14.91 21.78 -14.74
CA TYR B 129 -14.75 22.85 -15.71
C TYR B 129 -14.97 24.25 -15.13
N GLY B 130 -13.96 25.10 -15.25
CA GLY B 130 -14.06 26.48 -14.77
C GLY B 130 -13.96 26.72 -13.28
N VAL B 131 -13.71 25.67 -12.50
CA VAL B 131 -13.65 25.80 -11.05
C VAL B 131 -12.26 26.26 -10.57
N PRO B 132 -12.18 27.45 -9.95
CA PRO B 132 -10.92 27.90 -9.37
C PRO B 132 -10.55 27.02 -8.18
N VAL B 133 -9.32 26.52 -8.16
CA VAL B 133 -8.89 25.65 -7.06
C VAL B 133 -7.63 26.18 -6.42
N SER B 134 -7.56 26.11 -5.10
CA SER B 134 -6.38 26.57 -4.37
C SER B 134 -5.56 25.37 -3.93
N LEU B 135 -4.23 25.52 -3.98
CA LEU B 135 -3.36 24.40 -3.68
C LEU B 135 -2.45 24.70 -2.51
N LYS B 136 -2.42 23.79 -1.55
CA LYS B 136 -1.42 23.87 -0.50
C LYS B 136 -0.08 24.01 -1.24
N GLU B 137 0.84 24.75 -0.65
CA GLU B 137 2.09 25.11 -1.33
C GLU B 137 2.92 23.89 -1.76
N CYS B 138 2.72 22.75 -1.12
CA CYS B 138 3.50 21.56 -1.44
C CYS B 138 3.08 20.86 -2.75
N PHE B 139 1.92 21.19 -3.32
CA PHE B 139 1.55 20.62 -4.60
C PHE B 139 2.38 21.25 -5.72
N SER B 140 3.35 20.50 -6.25
CA SER B 140 4.21 21.04 -7.31
C SER B 140 3.42 21.64 -8.46
N TYR B 141 3.77 22.87 -8.81
CA TYR B 141 3.19 23.55 -9.94
C TYR B 141 4.31 24.12 -10.81
N LYS B 142 4.35 23.72 -12.08
CA LYS B 142 5.43 24.10 -12.99
C LYS B 142 5.80 25.59 -12.95
N GLY B 143 7.07 25.88 -12.68
CA GLY B 143 7.57 27.25 -12.65
C GLY B 143 7.46 27.96 -11.31
N HIS B 144 6.93 27.26 -10.30
CA HIS B 144 6.85 27.85 -8.97
C HIS B 144 7.63 27.05 -7.95
N ASP B 145 8.18 27.75 -6.96
CA ASP B 145 8.78 27.09 -5.81
C ASP B 145 7.69 26.40 -5.00
N SER B 146 8.07 25.32 -4.33
CA SER B 146 7.29 24.80 -3.21
C SER B 146 8.27 24.87 -2.04
N THR B 147 8.29 26.02 -1.36
CA THR B 147 9.33 26.27 -0.36
C THR B 147 9.11 25.48 0.93
N LEU B 148 7.85 25.22 1.24
CA LEU B 148 7.44 24.70 2.54
C LEU B 148 7.92 25.64 3.65
N GLY B 149 8.15 26.90 3.29
CA GLY B 149 8.63 27.89 4.25
C GLY B 149 10.10 27.70 4.58
N LEU B 150 10.78 26.85 3.82
CA LEU B 150 12.20 26.57 4.08
C LEU B 150 13.13 27.26 3.08
N SER B 151 14.10 27.99 3.60
CA SER B 151 15.00 28.78 2.76
C SER B 151 15.71 27.89 1.74
N LEU B 152 15.94 26.63 2.09
CA LEU B 152 16.67 25.76 1.17
C LEU B 152 15.84 25.33 -0.05
N ASN B 153 14.54 25.62 -0.03
CA ASN B 153 13.70 25.31 -1.19
C ASN B 153 13.31 26.54 -2.01
N GLU B 154 13.94 27.67 -1.71
CA GLU B 154 13.62 28.90 -2.38
C GLU B 154 14.54 29.04 -3.60
N GLY B 155 13.97 29.49 -4.71
CA GLY B 155 14.75 29.66 -5.94
C GLY B 155 14.91 28.35 -6.70
N MET B 156 14.01 27.40 -6.45
CA MET B 156 14.07 26.09 -7.09
C MET B 156 12.70 25.74 -7.66
N PRO B 157 12.35 26.35 -8.80
CA PRO B 157 11.00 26.19 -9.33
C PRO B 157 10.72 24.76 -9.79
N SER B 158 9.55 24.22 -9.48
CA SER B 158 9.15 22.92 -9.97
CA SER B 158 9.15 22.92 -9.97
C SER B 158 9.24 22.89 -11.50
N GLU B 159 9.60 21.74 -12.06
CA GLU B 159 9.73 21.64 -13.51
C GLU B 159 8.55 20.95 -14.17
N SER B 160 7.60 20.53 -13.34
CA SER B 160 6.33 20.01 -13.85
C SER B 160 5.24 20.05 -12.78
N ASP B 161 3.99 20.04 -13.23
CA ASP B 161 2.85 19.87 -12.33
C ASP B 161 2.89 18.48 -11.71
N CYS B 162 2.52 18.37 -10.44
CA CYS B 162 2.36 17.05 -9.83
C CYS B 162 1.11 16.37 -10.38
N VAL B 163 0.99 15.06 -10.15
CA VAL B 163 -0.07 14.28 -10.78
C VAL B 163 -1.47 14.82 -10.50
N VAL B 164 -1.80 15.09 -9.25
CA VAL B 164 -3.17 15.56 -8.94
C VAL B 164 -3.46 16.93 -9.54
N VAL B 165 -2.44 17.77 -9.67
CA VAL B 165 -2.61 19.04 -10.37
C VAL B 165 -2.91 18.79 -11.87
N GLN B 166 -2.18 17.87 -12.47
CA GLN B 166 -2.44 17.48 -13.85
C GLN B 166 -3.86 16.95 -14.02
N VAL B 167 -4.31 16.18 -13.04
CA VAL B 167 -5.64 15.59 -13.12
C VAL B 167 -6.70 16.66 -12.94
N LEU B 168 -6.47 17.60 -12.04
CA LEU B 168 -7.38 18.73 -11.83
C LEU B 168 -7.57 19.51 -13.12
N LYS B 169 -6.48 19.72 -13.85
CA LYS B 169 -6.52 20.46 -15.10
C LYS B 169 -7.22 19.69 -16.22
N LEU B 170 -7.00 18.38 -16.27
CA LEU B 170 -7.69 17.56 -17.26
C LEU B 170 -9.19 17.51 -16.98
N GLN B 171 -9.58 17.80 -15.74
CA GLN B 171 -10.98 17.85 -15.36
C GLN B 171 -11.54 19.27 -15.46
N GLY B 172 -10.72 20.17 -16.02
CA GLY B 172 -11.15 21.52 -16.33
C GLY B 172 -11.06 22.51 -15.19
N ALA B 173 -10.47 22.10 -14.06
CA ALA B 173 -10.29 23.00 -12.94
C ALA B 173 -9.14 23.96 -13.23
N VAL B 174 -9.10 25.07 -12.51
CA VAL B 174 -8.07 26.09 -12.69
C VAL B 174 -7.38 26.42 -11.38
N PRO B 175 -6.30 25.70 -11.07
CA PRO B 175 -5.53 26.02 -9.87
C PRO B 175 -5.03 27.44 -10.00
N PHE B 176 -5.16 28.27 -8.96
CA PHE B 176 -4.87 29.69 -9.13
C PHE B 176 -3.95 30.29 -8.08
N VAL B 177 -3.90 29.69 -6.89
CA VAL B 177 -2.95 30.14 -5.87
C VAL B 177 -2.28 28.98 -5.15
N HIS B 178 -1.06 29.24 -4.68
CA HIS B 178 -0.45 28.43 -3.64
C HIS B 178 -0.77 29.07 -2.30
N THR B 179 -1.14 28.27 -1.30
CA THR B 179 -1.48 28.81 0.01
C THR B 179 -0.45 28.42 1.06
N ASN B 180 -0.35 29.27 2.08
CA ASN B 180 0.71 29.22 3.08
C ASN B 180 0.67 27.97 3.99
N VAL B 181 1.85 27.57 4.47
CA VAL B 181 1.95 26.43 5.36
C VAL B 181 2.91 26.82 6.49
N PRO B 182 2.79 26.15 7.64
CA PRO B 182 3.82 26.39 8.64
C PRO B 182 5.15 25.82 8.11
N GLN B 183 6.28 26.39 8.51
CA GLN B 183 7.59 25.90 8.09
C GLN B 183 7.73 24.38 8.21
N SER B 184 8.07 23.73 7.09
CA SER B 184 8.25 22.26 6.98
C SER B 184 6.95 21.47 6.91
N MET B 185 5.83 22.13 7.22
CA MET B 185 4.50 21.49 7.20
C MET B 185 4.27 20.56 8.38
N PHE B 186 5.29 20.35 9.19
CA PHE B 186 5.09 19.47 10.33
C PHE B 186 4.59 20.22 11.58
N SER B 187 3.36 20.68 11.52
CA SER B 187 2.84 21.58 12.52
C SER B 187 1.35 21.80 12.25
N TYR B 188 0.58 22.04 13.31
CA TYR B 188 -0.81 22.44 13.08
C TYR B 188 -1.07 23.91 13.40
N ASP B 189 -0.01 24.70 13.33
CA ASP B 189 -0.14 26.15 13.25
C ASP B 189 0.19 26.50 11.80
N CYS B 190 0.38 27.78 11.50
CA CYS B 190 0.61 28.14 10.11
C CYS B 190 1.47 29.41 9.91
N SER B 191 2.74 29.33 10.29
CA SER B 191 3.67 30.41 10.06
C SER B 191 5.02 29.89 9.56
N ASN B 192 5.71 30.70 8.78
CA ASN B 192 7.08 30.38 8.37
C ASN B 192 7.87 31.67 8.14
N PRO B 193 9.20 31.59 8.16
CA PRO B 193 10.03 32.80 8.08
C PRO B 193 10.04 33.47 6.71
N LEU B 194 9.53 32.80 5.67
CA LEU B 194 9.53 33.41 4.34
C LEU B 194 8.30 34.29 4.10
N PHE B 195 7.11 33.71 4.31
CA PHE B 195 5.86 34.38 3.99
C PHE B 195 5.15 34.87 5.26
N GLY B 196 5.66 34.45 6.41
CA GLY B 196 5.14 34.91 7.69
C GLY B 196 3.92 34.14 8.15
N GLN B 197 3.06 34.81 8.89
CA GLN B 197 2.01 34.16 9.66
C GLN B 197 0.62 34.26 9.04
N THR B 198 -0.05 33.12 8.91
CA THR B 198 -1.44 33.09 8.44
C THR B 198 -2.36 33.16 9.65
N MET B 199 -3.44 33.91 9.54
CA MET B 199 -4.34 34.13 10.67
C MET B 199 -5.73 33.55 10.41
N ASN B 200 -6.40 33.15 11.48
CA ASN B 200 -7.74 32.62 11.36
C ASN B 200 -8.68 33.73 10.88
N PRO B 201 -9.48 33.45 9.84
CA PRO B 201 -10.44 34.43 9.31
C PRO B 201 -11.51 34.83 10.33
N TRP B 202 -11.79 33.97 11.31
CA TRP B 202 -12.80 34.29 12.31
C TRP B 202 -12.32 35.19 13.43
N LYS B 203 -11.02 35.19 13.69
CA LYS B 203 -10.47 35.93 14.82
C LYS B 203 -8.97 35.97 14.67
N SER B 204 -8.45 37.18 14.48
CA SER B 204 -7.09 37.34 13.99
C SER B 204 -6.04 36.92 15.03
N SER B 205 -6.47 36.75 16.27
CA SER B 205 -5.57 36.26 17.33
C SER B 205 -5.50 34.72 17.34
N LYS B 206 -6.32 34.06 16.51
CA LYS B 206 -6.36 32.60 16.48
C LYS B 206 -5.56 32.02 15.32
N SER B 207 -5.01 30.83 15.52
CA SER B 207 -4.41 30.07 14.44
C SER B 207 -5.50 29.57 13.52
N PRO B 208 -5.23 29.52 12.20
CA PRO B 208 -6.16 28.91 11.28
C PRO B 208 -5.98 27.39 11.26
N GLY B 209 -5.14 26.86 12.14
CA GLY B 209 -4.77 25.46 12.06
C GLY B 209 -3.75 25.25 10.95
N GLY B 210 -3.28 24.02 10.80
CA GLY B 210 -2.27 23.71 9.80
C GLY B 210 -2.12 22.19 9.73
N SER B 211 -1.28 21.70 8.81
CA SER B 211 -0.43 22.55 8.01
C SER B 211 -1.14 23.14 6.79
N SER B 212 -2.31 22.62 6.44
CA SER B 212 -3.07 23.20 5.34
C SER B 212 -3.81 24.48 5.79
N GLY B 213 -3.13 25.33 6.55
CA GLY B 213 -3.74 26.51 7.13
C GLY B 213 -4.15 27.60 6.14
N GLY B 214 -3.27 27.89 5.19
CA GLY B 214 -3.59 28.87 4.16
C GLY B 214 -4.88 28.47 3.45
N GLU B 215 -5.00 27.19 3.13
CA GLU B 215 -6.22 26.64 2.52
C GLU B 215 -7.44 26.84 3.41
N GLY B 216 -7.31 26.49 4.69
CA GLY B 216 -8.40 26.65 5.62
C GLY B 216 -8.85 28.10 5.71
N ALA B 217 -7.91 29.02 5.76
CA ALA B 217 -8.23 30.44 5.94
C ALA B 217 -8.81 31.00 4.66
N LEU B 218 -8.25 30.60 3.53
CA LEU B 218 -8.75 31.10 2.25
C LEU B 218 -10.17 30.57 1.99
N ILE B 219 -10.35 29.25 2.13
CA ILE B 219 -11.67 28.66 1.89
C ILE B 219 -12.69 29.07 2.95
N GLY B 220 -12.27 29.12 4.21
CA GLY B 220 -13.15 29.52 5.30
C GLY B 220 -13.59 30.98 5.26
N SER B 221 -12.89 31.81 4.49
CA SER B 221 -13.34 33.20 4.36
C SER B 221 -14.01 33.45 3.00
N GLY B 222 -14.17 32.39 2.21
CA GLY B 222 -14.91 32.48 0.96
C GLY B 222 -14.05 32.79 -0.25
N GLY B 223 -12.73 32.73 -0.12
CA GLY B 223 -11.83 33.10 -1.20
C GLY B 223 -11.50 32.00 -2.20
N SER B 224 -12.03 30.81 -1.97
CA SER B 224 -11.85 29.70 -2.89
C SER B 224 -12.90 28.63 -2.59
N PRO B 225 -13.50 28.06 -3.65
CA PRO B 225 -14.58 27.08 -3.45
C PRO B 225 -14.05 25.68 -3.16
N LEU B 226 -12.77 25.45 -3.41
CA LEU B 226 -12.20 24.11 -3.31
C LEU B 226 -10.68 24.18 -3.22
N GLY B 227 -10.10 23.39 -2.30
CA GLY B 227 -8.66 23.32 -2.18
C GLY B 227 -8.19 21.89 -1.99
N LEU B 228 -6.89 21.68 -2.19
CA LEU B 228 -6.29 20.40 -1.87
C LEU B 228 -5.30 20.60 -0.74
N GLY B 229 -5.31 19.68 0.22
CA GLY B 229 -4.30 19.69 1.28
C GLY B 229 -3.71 18.30 1.46
N THR B 230 -2.87 18.16 2.47
CA THR B 230 -2.30 16.86 2.80
C THR B 230 -2.37 16.74 4.30
N ASP B 231 -2.17 15.52 4.79
CA ASP B 231 -2.49 15.20 6.18
C ASP B 231 -1.65 14.00 6.61
N ILE B 232 -0.77 14.21 7.59
CA ILE B 232 -0.03 13.11 8.21
C ILE B 232 -0.35 12.98 9.72
N GLY B 233 -0.88 14.05 10.32
CA GLY B 233 -1.27 14.02 11.72
C GLY B 233 -2.52 14.85 11.99
N GLY B 234 -3.19 15.28 10.92
CA GLY B 234 -4.38 16.09 11.07
C GLY B 234 -4.39 17.33 10.19
N SER B 235 -3.36 17.48 9.36
CA SER B 235 -3.16 18.73 8.63
C SER B 235 -4.23 19.14 7.62
N ILE B 236 -5.16 18.25 7.30
CA ILE B 236 -6.35 18.63 6.57
C ILE B 236 -7.48 18.93 7.54
N ARG B 237 -7.52 18.18 8.64
CA ARG B 237 -8.64 18.24 9.58
C ARG B 237 -8.54 19.40 10.59
N PHE B 238 -7.35 19.70 11.11
CA PHE B 238 -7.20 20.89 11.95
C PHE B 238 -7.66 22.19 11.26
N PRO B 239 -7.13 22.48 10.06
CA PRO B 239 -7.54 23.78 9.49
C PRO B 239 -9.01 23.81 9.10
N SER B 240 -9.56 22.68 8.67
CA SER B 240 -10.99 22.60 8.35
C SER B 240 -11.84 22.90 9.57
N ALA B 241 -11.50 22.27 10.69
CA ALA B 241 -12.25 22.47 11.93
C ALA B 241 -12.04 23.88 12.51
N PHE B 242 -10.80 24.36 12.53
CA PHE B 242 -10.51 25.70 13.08
C PHE B 242 -11.18 26.80 12.27
N CYS B 243 -11.25 26.61 10.96
CA CYS B 243 -11.79 27.64 10.09
C CYS B 243 -13.26 27.38 9.70
N GLY B 244 -13.81 26.26 10.17
CA GLY B 244 -15.23 25.95 9.98
C GLY B 244 -15.62 25.57 8.56
N ILE B 245 -14.84 24.68 7.95
CA ILE B 245 -15.14 24.18 6.61
C ILE B 245 -15.01 22.66 6.66
N CYS B 246 -15.33 21.98 5.57
CA CYS B 246 -15.27 20.51 5.50
C CYS B 246 -13.96 20.07 4.89
N GLY B 247 -13.45 18.94 5.35
CA GLY B 247 -12.21 18.40 4.84
C GLY B 247 -12.26 16.88 4.98
N LEU B 248 -11.64 16.18 4.02
CA LEU B 248 -11.55 14.75 4.09
C LEU B 248 -10.11 14.32 3.91
N LYS B 249 -9.63 13.47 4.81
CA LYS B 249 -8.36 12.77 4.62
C LYS B 249 -8.63 11.33 4.18
N PRO B 250 -8.40 11.01 2.90
CA PRO B 250 -8.64 9.62 2.47
C PRO B 250 -7.60 8.65 3.04
N THR B 251 -7.84 7.38 2.78
CA THR B 251 -6.82 6.35 2.92
C THR B 251 -5.58 6.82 2.17
N GLY B 252 -4.41 6.61 2.76
CA GLY B 252 -3.16 7.13 2.24
C GLY B 252 -2.93 6.96 0.73
N ASN B 253 -3.16 5.76 0.20
CA ASN B 253 -2.87 5.52 -1.21
C ASN B 253 -4.10 5.54 -2.13
N ARG B 254 -5.16 6.23 -1.70
CA ARG B 254 -6.34 6.42 -2.55
C ARG B 254 -6.04 7.42 -3.67
N LEU B 255 -5.20 8.41 -3.38
CA LEU B 255 -4.85 9.42 -4.37
C LEU B 255 -3.34 9.46 -4.57
N SER B 256 -2.89 9.86 -5.76
CA SER B 256 -1.46 9.92 -6.08
C SER B 256 -0.71 11.02 -5.33
N LYS B 257 0.45 10.68 -4.78
CA LYS B 257 1.29 11.67 -4.13
C LYS B 257 2.47 12.04 -5.05
N SER B 258 2.43 11.52 -6.26
CA SER B 258 3.52 11.75 -7.21
C SER B 258 3.66 13.24 -7.52
N GLY B 259 4.85 13.78 -7.26
CA GLY B 259 5.15 15.16 -7.57
C GLY B 259 4.95 16.11 -6.41
N LEU B 260 4.49 15.58 -5.28
CA LEU B 260 4.35 16.41 -4.07
C LEU B 260 5.70 16.76 -3.50
N LYS B 261 5.84 18.01 -3.06
CA LYS B 261 7.06 18.44 -2.40
C LYS B 261 6.96 18.03 -0.94
N GLY B 262 7.98 17.37 -0.41
CA GLY B 262 8.01 17.00 1.00
C GLY B 262 9.28 17.41 1.72
N CYS B 263 9.35 17.15 3.01
CA CYS B 263 10.54 17.50 3.79
C CYS B 263 11.30 16.23 4.19
N VAL B 264 10.57 15.11 4.19
CA VAL B 264 11.15 13.81 4.56
C VAL B 264 10.72 12.74 3.54
N TYR B 265 11.66 11.92 3.11
CA TYR B 265 11.34 10.96 2.05
C TYR B 265 11.54 9.51 2.48
N GLY B 266 10.59 8.65 2.13
CA GLY B 266 10.72 7.22 2.33
C GLY B 266 10.21 6.70 3.66
N GLN B 267 9.62 7.57 4.46
CA GLN B 267 8.97 7.18 5.71
C GLN B 267 7.58 6.63 5.35
N THR B 268 7.33 5.35 5.63
CA THR B 268 6.11 4.70 5.15
C THR B 268 5.28 4.06 6.26
N ALA B 269 5.79 4.09 7.48
CA ALA B 269 5.05 3.60 8.63
C ALA B 269 3.77 4.42 8.83
N VAL B 270 3.88 5.74 8.76
CA VAL B 270 2.69 6.59 8.84
C VAL B 270 2.62 7.38 7.55
N GLN B 271 1.76 6.94 6.64
CA GLN B 271 1.70 7.47 5.29
C GLN B 271 1.03 8.82 5.28
N LEU B 272 1.54 9.68 4.41
CA LEU B 272 0.92 10.93 4.08
C LEU B 272 -0.34 10.65 3.27
N SER B 273 -1.37 11.47 3.48
CA SER B 273 -2.56 11.37 2.66
C SER B 273 -2.92 12.75 2.11
N LEU B 274 -3.43 12.81 0.89
CA LEU B 274 -3.88 14.10 0.36
C LEU B 274 -5.37 14.07 0.12
N GLY B 275 -6.01 15.22 0.19
CA GLY B 275 -7.45 15.26 0.11
C GLY B 275 -8.03 16.65 0.00
N PRO B 276 -9.33 16.72 -0.30
CA PRO B 276 -10.03 17.98 -0.55
C PRO B 276 -10.48 18.72 0.72
N MET B 277 -10.54 20.04 0.60
CA MET B 277 -11.15 20.89 1.58
C MET B 277 -12.10 21.80 0.84
N ALA B 278 -13.24 22.10 1.45
CA ALA B 278 -14.27 22.89 0.79
C ALA B 278 -15.30 23.35 1.80
N ARG B 279 -16.31 24.07 1.34
CA ARG B 279 -17.33 24.62 2.23
C ARG B 279 -18.45 23.63 2.57
N ASP B 280 -18.58 22.55 1.81
CA ASP B 280 -19.60 21.55 2.11
C ASP B 280 -19.17 20.15 1.71
N VAL B 281 -19.93 19.15 2.16
CA VAL B 281 -19.57 17.76 1.93
C VAL B 281 -19.68 17.37 0.47
N GLU B 282 -20.72 17.84 -0.20
CA GLU B 282 -20.94 17.57 -1.62
C GLU B 282 -19.70 17.97 -2.44
N SER B 283 -19.05 19.06 -2.05
CA SER B 283 -17.86 19.54 -2.75
C SER B 283 -16.68 18.58 -2.64
N LEU B 284 -16.51 17.95 -1.48
CA LEU B 284 -15.42 16.98 -1.31
C LEU B 284 -15.72 15.76 -2.16
N ALA B 285 -17.00 15.41 -2.24
CA ALA B 285 -17.39 14.20 -2.98
C ALA B 285 -17.18 14.43 -4.46
N LEU B 286 -17.51 15.64 -4.92
CA LEU B 286 -17.35 16.00 -6.32
C LEU B 286 -15.88 15.97 -6.69
N CYS B 287 -15.05 16.52 -5.83
CA CYS B 287 -13.61 16.52 -6.02
C CYS B 287 -13.02 15.09 -6.09
N LEU B 288 -13.38 14.22 -5.16
CA LEU B 288 -12.90 12.85 -5.22
C LEU B 288 -13.37 12.16 -6.49
N LYS B 289 -14.58 12.47 -6.94
CA LYS B 289 -15.10 11.83 -8.14
C LYS B 289 -14.29 12.23 -9.36
N ALA B 290 -13.93 13.51 -9.43
CA ALA B 290 -13.12 14.03 -10.54
C ALA B 290 -11.70 13.47 -10.51
N LEU B 291 -11.15 13.30 -9.30
CA LEU B 291 -9.78 12.83 -9.18
C LEU B 291 -9.67 11.32 -9.48
N LEU B 292 -10.63 10.53 -8.99
CA LEU B 292 -10.55 9.07 -9.11
C LEU B 292 -11.03 8.62 -10.49
N CYS B 293 -10.28 9.02 -11.50
CA CYS B 293 -10.63 8.76 -12.89
C CYS B 293 -9.45 8.12 -13.63
N GLU B 294 -9.70 7.67 -14.85
CA GLU B 294 -8.68 7.00 -15.65
C GLU B 294 -7.41 7.83 -15.83
N HIS B 295 -7.55 9.15 -15.95
CA HIS B 295 -6.39 10.03 -16.08
C HIS B 295 -5.42 9.78 -14.93
N LEU B 296 -5.96 9.77 -13.71
CA LEU B 296 -5.13 9.56 -12.53
C LEU B 296 -4.48 8.18 -12.55
N PHE B 297 -5.29 7.17 -12.84
CA PHE B 297 -4.84 5.78 -12.74
C PHE B 297 -3.80 5.48 -13.81
N THR B 298 -3.87 6.18 -14.93
CA THR B 298 -2.88 6.03 -15.99
CA THR B 298 -2.87 6.01 -15.98
C THR B 298 -1.61 6.82 -15.69
N LEU B 299 -1.77 8.04 -15.21
CA LEU B 299 -0.63 8.86 -14.85
C LEU B 299 0.16 8.24 -13.69
N ASP B 300 -0.53 7.62 -12.75
CA ASP B 300 0.14 6.97 -11.61
C ASP B 300 -0.41 5.57 -11.35
N PRO B 301 0.16 4.57 -12.06
CA PRO B 301 -0.29 3.18 -11.97
C PRO B 301 -0.10 2.58 -10.57
N THR B 302 0.64 3.23 -9.68
CA THR B 302 0.80 2.70 -8.33
C THR B 302 -0.45 2.89 -7.45
N VAL B 303 -1.38 3.73 -7.90
CA VAL B 303 -2.62 3.96 -7.17
C VAL B 303 -3.63 2.89 -7.57
N PRO B 304 -4.19 2.16 -6.60
CA PRO B 304 -5.18 1.14 -6.97
C PRO B 304 -6.35 1.84 -7.64
N PRO B 305 -6.77 1.33 -8.81
CA PRO B 305 -7.75 2.08 -9.60
C PRO B 305 -9.17 1.87 -9.11
N LEU B 306 -9.50 2.45 -7.96
CA LEU B 306 -10.85 2.35 -7.40
C LEU B 306 -11.68 3.56 -7.78
N PRO B 307 -12.63 3.38 -8.70
CA PRO B 307 -13.45 4.53 -9.08
C PRO B 307 -14.27 5.01 -7.87
N PHE B 308 -14.66 6.27 -7.87
CA PHE B 308 -15.54 6.79 -6.81
C PHE B 308 -16.91 6.09 -6.86
N ARG B 309 -17.32 5.47 -5.76
CA ARG B 309 -18.59 4.73 -5.75
C ARG B 309 -19.78 5.59 -5.30
N GLU B 310 -20.33 6.32 -6.25
CA GLU B 310 -21.39 7.30 -5.96
C GLU B 310 -22.54 6.70 -5.14
N GLU B 311 -22.92 5.46 -5.44
CA GLU B 311 -24.11 4.88 -4.80
C GLU B 311 -23.90 4.65 -3.30
N VAL B 312 -22.68 4.31 -2.91
CA VAL B 312 -22.35 4.21 -1.49
C VAL B 312 -22.49 5.61 -0.85
N TYR B 313 -21.92 6.62 -1.51
CA TYR B 313 -22.03 8.00 -1.03
C TYR B 313 -23.48 8.46 -0.91
N ARG B 314 -24.31 8.10 -1.88
CA ARG B 314 -25.70 8.54 -1.91
C ARG B 314 -26.64 7.69 -1.06
N SER B 315 -26.14 6.59 -0.49
CA SER B 315 -27.01 5.68 0.27
C SER B 315 -27.77 6.41 1.38
N SER B 316 -29.01 5.99 1.64
CA SER B 316 -29.73 6.55 2.78
C SER B 316 -30.08 5.48 3.83
N ARG B 317 -29.42 4.33 3.76
CA ARG B 317 -29.60 3.29 4.77
C ARG B 317 -29.15 3.74 6.16
N PRO B 318 -29.87 3.27 7.21
CA PRO B 318 -29.49 3.52 8.60
C PRO B 318 -28.09 3.00 8.89
N LEU B 319 -27.31 3.73 9.67
CA LEU B 319 -25.94 3.33 9.97
C LEU B 319 -25.84 2.85 11.39
N ARG B 320 -24.92 1.92 11.61
CA ARG B 320 -24.42 1.62 12.95
C ARG B 320 -23.19 2.49 13.18
N VAL B 321 -23.33 3.44 14.09
CA VAL B 321 -22.30 4.45 14.31
C VAL B 321 -21.66 4.22 15.67
N GLY B 322 -20.38 3.86 15.69
CA GLY B 322 -19.64 3.81 16.93
C GLY B 322 -19.38 5.26 17.30
N TYR B 323 -19.23 5.56 18.58
CA TYR B 323 -18.89 6.92 18.97
C TYR B 323 -18.13 6.93 20.28
N TYR B 324 -17.33 7.97 20.48
CA TYR B 324 -16.85 8.30 21.82
C TYR B 324 -16.84 9.81 22.02
N GLU B 325 -16.95 10.26 23.26
CA GLU B 325 -17.04 11.68 23.56
C GLU B 325 -15.70 12.19 24.04
N THR B 326 -14.81 11.26 24.31
CA THR B 326 -13.44 11.59 24.68
C THR B 326 -12.55 10.38 24.42
N ASP B 327 -11.28 10.61 24.08
CA ASP B 327 -10.33 9.53 23.86
C ASP B 327 -9.49 9.29 25.10
N ASN B 328 -9.86 9.94 26.19
CA ASN B 328 -9.16 9.83 27.46
C ASN B 328 -7.69 10.20 27.37
N TYR B 329 -7.34 10.94 26.33
CA TYR B 329 -5.98 11.36 26.15
C TYR B 329 -5.95 12.90 26.19
N THR B 330 -6.69 13.53 25.29
CA THR B 330 -6.90 14.96 25.30
C THR B 330 -8.29 15.23 25.81
N MET B 331 -8.41 15.89 26.96
CA MET B 331 -9.74 16.24 27.45
C MET B 331 -10.40 17.18 26.44
N PRO B 332 -11.59 16.81 25.98
CA PRO B 332 -12.29 17.71 25.05
C PRO B 332 -12.68 19.01 25.75
N SER B 333 -12.75 20.08 24.99
CA SER B 333 -13.28 21.33 25.49
C SER B 333 -14.78 21.15 25.63
N PRO B 334 -15.43 22.02 26.42
CA PRO B 334 -16.88 21.91 26.57
C PRO B 334 -17.59 22.05 25.23
N ALA B 335 -17.04 22.87 24.34
CA ALA B 335 -17.63 23.02 23.01
C ALA B 335 -17.52 21.72 22.20
N MET B 336 -16.35 21.09 22.21
CA MET B 336 -16.15 19.80 21.50
C MET B 336 -17.12 18.75 21.99
N ARG B 337 -17.26 18.68 23.31
CA ARG B 337 -18.09 17.67 23.93
C ARG B 337 -19.57 17.90 23.61
N ARG B 338 -20.00 19.17 23.66
CA ARG B 338 -21.37 19.50 23.32
C ARG B 338 -21.67 19.17 21.86
N ALA B 339 -20.75 19.55 20.98
CA ALA B 339 -20.82 19.23 19.56
C ALA B 339 -21.01 17.72 19.30
N LEU B 340 -20.19 16.91 19.95
CA LEU B 340 -20.25 15.46 19.79
C LEU B 340 -21.61 14.94 20.29
N ILE B 341 -22.02 15.41 21.46
CA ILE B 341 -23.24 14.93 22.10
C ILE B 341 -24.50 15.32 21.34
N GLU B 342 -24.54 16.54 20.81
CA GLU B 342 -25.71 16.98 20.04
C GLU B 342 -25.81 16.22 18.72
N THR B 343 -24.67 16.02 18.07
CA THR B 343 -24.62 15.23 16.84
C THR B 343 -25.11 13.81 17.09
N LYS B 344 -24.61 13.21 18.16
CA LYS B 344 -25.02 11.86 18.54
C LYS B 344 -26.53 11.81 18.70
N GLN B 345 -27.11 12.83 19.34
CA GLN B 345 -28.54 12.84 19.59
C GLN B 345 -29.36 13.02 18.32
N ARG B 346 -28.92 13.90 17.44
CA ARG B 346 -29.60 14.06 16.15
C ARG B 346 -29.52 12.78 15.31
N LEU B 347 -28.37 12.09 15.34
CA LEU B 347 -28.22 10.86 14.57
C LEU B 347 -29.16 9.79 15.10
N GLU B 348 -29.32 9.74 16.42
CA GLU B 348 -30.22 8.76 17.01
C GLU B 348 -31.66 9.08 16.64
N ALA B 349 -32.02 10.35 16.68
CA ALA B 349 -33.38 10.75 16.33
C ALA B 349 -33.66 10.47 14.85
N ALA B 350 -32.61 10.46 14.04
CA ALA B 350 -32.76 10.20 12.61
C ALA B 350 -32.82 8.71 12.28
N GLY B 351 -32.77 7.86 13.30
CA GLY B 351 -32.91 6.42 13.07
C GLY B 351 -31.61 5.62 13.03
N HIS B 352 -30.49 6.25 13.32
CA HIS B 352 -29.22 5.53 13.35
C HIS B 352 -28.99 4.88 14.70
N THR B 353 -28.18 3.84 14.71
CA THR B 353 -27.85 3.13 15.93
C THR B 353 -26.49 3.59 16.43
N LEU B 354 -26.49 4.25 17.58
CA LEU B 354 -25.27 4.77 18.17
C LEU B 354 -24.74 3.79 19.20
N ILE B 355 -23.47 3.46 19.09
CA ILE B 355 -22.87 2.39 19.86
C ILE B 355 -21.57 2.88 20.44
N PRO B 356 -21.43 2.84 21.78
CA PRO B 356 -20.15 3.29 22.36
C PRO B 356 -18.99 2.45 21.83
N PHE B 357 -17.91 3.12 21.44
CA PHE B 357 -16.79 2.45 20.84
C PHE B 357 -15.53 3.28 21.02
N LEU B 358 -14.47 2.65 21.50
CA LEU B 358 -13.20 3.33 21.62
C LEU B 358 -12.08 2.43 21.08
N PRO B 359 -11.36 2.89 20.06
CA PRO B 359 -10.22 2.08 19.61
C PRO B 359 -9.30 1.73 20.77
N ASN B 360 -8.81 0.50 20.80
CA ASN B 360 -8.03 0.04 21.92
C ASN B 360 -6.64 0.68 21.92
N ASN B 361 -6.04 0.77 23.10
CA ASN B 361 -4.65 1.19 23.25
C ASN B 361 -4.25 2.50 22.55
N ILE B 362 -5.07 3.53 22.69
CA ILE B 362 -4.76 4.83 22.07
C ILE B 362 -3.42 5.45 22.53
N PRO B 363 -3.12 5.43 23.84
CA PRO B 363 -1.83 5.98 24.27
C PRO B 363 -0.65 5.32 23.54
N TYR B 364 -0.71 4.00 23.38
CA TYR B 364 0.32 3.25 22.67
C TYR B 364 0.35 3.62 21.17
N ALA B 365 -0.82 3.71 20.56
CA ALA B 365 -0.88 4.08 19.14
C ALA B 365 -0.26 5.47 18.89
N LEU B 366 -0.44 6.38 19.84
CA LEU B 366 0.04 7.74 19.66
C LEU B 366 1.52 7.85 20.05
N GLU B 367 1.86 7.31 21.21
CA GLU B 367 3.19 7.53 21.76
C GLU B 367 4.23 6.64 21.09
N VAL B 368 3.88 5.37 20.86
CA VAL B 368 4.84 4.41 20.32
C VAL B 368 4.74 4.30 18.80
N LEU B 369 3.54 4.05 18.27
CA LEU B 369 3.40 3.77 16.85
C LEU B 369 3.51 5.02 16.00
N SER B 370 2.75 6.05 16.34
CA SER B 370 2.71 7.25 15.52
C SER B 370 4.00 8.06 15.64
N THR B 371 4.36 8.40 16.86
CA THR B 371 5.56 9.20 17.08
C THR B 371 6.77 8.42 16.57
N GLY B 372 6.81 7.13 16.89
CA GLY B 372 7.91 6.29 16.47
C GLY B 372 8.02 6.20 14.96
N GLY B 373 6.86 6.13 14.30
CA GLY B 373 6.85 5.99 12.86
C GLY B 373 7.27 7.29 12.20
N LEU B 374 6.82 8.40 12.77
CA LEU B 374 7.20 9.71 12.22
C LEU B 374 8.66 10.06 12.47
N PHE B 375 9.23 9.57 13.57
CA PHE B 375 10.60 9.97 13.94
C PHE B 375 11.56 8.79 14.13
N SER B 376 11.43 7.76 13.30
CA SER B 376 12.18 6.52 13.50
C SER B 376 13.66 6.80 13.49
N ASP B 377 14.07 7.86 12.81
CA ASP B 377 15.47 8.20 12.66
C ASP B 377 15.90 9.34 13.62
N GLY B 378 15.12 9.58 14.66
CA GLY B 378 15.50 10.60 15.64
C GLY B 378 15.24 12.02 15.17
N GLY B 379 14.70 12.16 13.97
CA GLY B 379 14.46 13.47 13.39
C GLY B 379 15.59 13.96 12.51
N ARG B 380 16.61 13.14 12.30
CA ARG B 380 17.79 13.56 11.52
C ARG B 380 17.44 14.05 10.11
N SER B 381 16.67 13.27 9.37
CA SER B 381 16.27 13.65 8.01
C SER B 381 15.48 14.96 8.04
N PHE B 382 14.56 15.06 8.98
CA PHE B 382 13.72 16.23 9.14
C PHE B 382 14.58 17.47 9.44
N LEU B 383 15.55 17.32 10.36
CA LEU B 383 16.44 18.40 10.75
C LEU B 383 17.32 18.94 9.62
N GLN B 384 17.65 18.08 8.65
CA GLN B 384 18.43 18.49 7.49
C GLN B 384 17.83 19.71 6.79
N ASN B 385 16.51 19.86 6.86
CA ASN B 385 15.83 20.98 6.21
C ASN B 385 16.08 22.31 6.93
N PHE B 386 16.52 22.24 8.18
CA PHE B 386 16.64 23.45 9.00
C PHE B 386 18.05 24.01 9.10
N LYS B 387 19.05 23.26 8.63
CA LYS B 387 20.41 23.73 8.78
C LYS B 387 20.64 25.06 8.09
N GLY B 388 21.06 26.05 8.87
CA GLY B 388 21.27 27.40 8.37
C GLY B 388 20.02 28.26 8.29
N ASP B 389 18.86 27.70 8.63
CA ASP B 389 17.59 28.43 8.50
C ASP B 389 17.13 29.02 9.83
N PHE B 390 16.25 30.01 9.78
CA PHE B 390 15.52 30.41 10.96
C PHE B 390 14.53 29.31 11.35
N VAL B 391 14.24 29.19 12.64
CA VAL B 391 13.23 28.26 13.12
C VAL B 391 12.02 29.06 13.57
N ASP B 392 10.94 28.94 12.82
CA ASP B 392 9.75 29.73 13.13
C ASP B 392 9.28 29.46 14.57
N PRO B 393 8.88 30.52 15.28
CA PRO B 393 8.36 30.39 16.64
C PRO B 393 7.16 29.42 16.72
N CYS B 394 6.42 29.23 15.65
CA CYS B 394 5.21 28.40 15.71
C CYS B 394 5.55 26.91 15.86
N LEU B 395 6.80 26.55 15.62
CA LEU B 395 7.24 25.17 15.77
C LEU B 395 7.56 24.87 17.23
N GLY B 396 7.43 25.87 18.10
CA GLY B 396 7.73 25.68 19.50
C GLY B 396 9.16 25.19 19.72
N ASP B 397 9.30 24.17 20.57
CA ASP B 397 10.63 23.63 20.88
C ASP B 397 10.96 22.34 20.12
N LEU B 398 10.15 21.98 19.12
CA LEU B 398 10.37 20.73 18.38
C LEU B 398 11.78 20.57 17.81
N ILE B 399 12.28 21.59 17.13
CA ILE B 399 13.59 21.48 16.50
C ILE B 399 14.71 21.35 17.54
N LEU B 400 14.62 22.15 18.60
CA LEU B 400 15.54 22.05 19.73
C LEU B 400 15.54 20.64 20.34
N ILE B 401 14.35 20.09 20.54
CA ILE B 401 14.22 18.75 21.14
C ILE B 401 14.76 17.66 20.21
N LEU B 402 14.42 17.72 18.92
CA LEU B 402 14.91 16.73 17.98
C LEU B 402 16.43 16.74 17.97
N ARG B 403 17.01 17.93 18.14
CA ARG B 403 18.46 18.10 18.09
C ARG B 403 19.20 17.48 19.27
N LEU B 404 18.48 17.21 20.36
CA LEU B 404 19.07 16.58 21.54
C LEU B 404 19.68 15.22 21.21
N PRO B 405 20.86 14.93 21.79
CA PRO B 405 21.53 13.64 21.60
C PRO B 405 20.61 12.51 22.03
N SER B 406 20.68 11.38 21.33
CA SER B 406 19.82 10.25 21.63
C SER B 406 19.90 9.84 23.10
N TRP B 407 21.13 9.70 23.61
CA TRP B 407 21.30 9.32 25.01
C TRP B 407 20.57 10.28 25.94
N PHE B 408 20.59 11.57 25.60
CA PHE B 408 20.02 12.57 26.49
C PHE B 408 18.49 12.62 26.43
N LYS B 409 17.92 12.34 25.26
CA LYS B 409 16.48 12.18 25.14
C LYS B 409 16.05 11.02 26.03
N ARG B 410 16.84 9.95 26.02
CA ARG B 410 16.53 8.78 26.80
C ARG B 410 16.57 9.08 28.30
N LEU B 411 17.60 9.81 28.72
CA LEU B 411 17.80 10.09 30.14
C LEU B 411 16.71 11.00 30.64
N LEU B 412 16.36 12.00 29.83
CA LEU B 412 15.32 12.94 30.18
C LEU B 412 13.99 12.20 30.26
N SER B 413 13.81 11.24 29.36
CA SER B 413 12.61 10.42 29.36
C SER B 413 12.43 9.67 30.67
N LEU B 414 13.49 9.02 31.14
CA LEU B 414 13.45 8.31 32.40
C LEU B 414 13.20 9.23 33.59
N LEU B 415 13.64 10.49 33.48
CA LEU B 415 13.46 11.44 34.58
C LEU B 415 12.04 11.98 34.64
N LEU B 416 11.49 12.33 33.48
CA LEU B 416 10.15 12.89 33.41
C LEU B 416 9.06 11.86 33.66
N LYS B 417 9.37 10.59 33.45
CA LYS B 417 8.36 9.52 33.47
C LYS B 417 7.49 9.46 34.73
N PRO B 418 8.11 9.55 35.93
CA PRO B 418 7.32 9.55 37.17
C PRO B 418 6.39 10.76 37.28
N LEU B 419 6.82 11.91 36.77
CA LEU B 419 6.03 13.14 36.85
C LEU B 419 5.08 13.30 35.67
N PHE B 420 5.64 13.31 34.46
CA PHE B 420 4.88 13.58 33.25
C PHE B 420 5.02 12.43 32.25
N PRO B 421 4.28 11.33 32.48
CA PRO B 421 4.45 10.13 31.64
C PRO B 421 4.21 10.41 30.15
N ARG B 422 3.25 11.26 29.84
CA ARG B 422 2.98 11.59 28.45
C ARG B 422 4.19 12.25 27.78
N LEU B 423 4.78 13.25 28.45
CA LEU B 423 5.97 13.88 27.90
C LEU B 423 7.15 12.90 27.78
N ALA B 424 7.29 12.02 28.76
CA ALA B 424 8.39 11.07 28.75
C ALA B 424 8.23 10.10 27.59
N ALA B 425 6.99 9.68 27.34
CA ALA B 425 6.71 8.71 26.28
C ALA B 425 7.08 9.25 24.91
N PHE B 426 6.67 10.49 24.64
CA PHE B 426 6.97 11.10 23.35
C PHE B 426 8.47 11.22 23.17
N LEU B 427 9.13 11.77 24.17
CA LEU B 427 10.57 11.96 24.09
C LEU B 427 11.30 10.65 23.77
N ASN B 428 10.90 9.58 24.46
CA ASN B 428 11.57 8.30 24.30
C ASN B 428 11.38 7.75 22.89
N ASN B 429 10.21 7.99 22.31
CA ASN B 429 9.90 7.41 21.01
C ASN B 429 10.35 8.26 19.81
N MET B 430 11.10 9.32 20.10
CA MET B 430 11.61 10.19 19.04
C MET B 430 13.10 9.97 18.88
N ARG B 431 13.55 8.80 19.31
CA ARG B 431 14.97 8.46 19.25
C ARG B 431 15.27 7.72 17.95
N PRO B 432 16.51 7.82 17.47
CA PRO B 432 16.93 7.08 16.27
C PRO B 432 16.98 5.57 16.55
N ARG B 433 16.71 4.76 15.53
CA ARG B 433 16.80 3.31 15.70
C ARG B 433 17.29 2.62 14.43
N SER B 434 17.61 1.33 14.56
CA SER B 434 18.06 0.50 13.44
C SER B 434 16.91 0.11 12.48
N ALA B 435 17.26 -0.35 11.28
CA ALA B 435 16.27 -0.89 10.36
C ALA B 435 15.52 -2.07 11.03
N GLU B 436 16.26 -2.88 11.78
CA GLU B 436 15.65 -3.99 12.50
C GLU B 436 14.51 -3.54 13.44
N LYS B 437 14.74 -2.49 14.22
CA LYS B 437 13.73 -1.97 15.15
C LYS B 437 12.56 -1.30 14.33
N LEU B 438 12.86 -0.67 13.20
CA LEU B 438 11.80 -0.11 12.36
C LEU B 438 10.88 -1.22 11.78
N TRP B 439 11.45 -2.31 11.27
CA TRP B 439 10.62 -3.45 10.87
C TRP B 439 9.67 -3.85 12.00
N LYS B 440 10.20 -3.95 13.22
CA LYS B 440 9.39 -4.32 14.37
C LYS B 440 8.25 -3.32 14.56
N LEU B 441 8.60 -2.03 14.51
CA LEU B 441 7.60 -0.98 14.60
C LEU B 441 6.55 -1.07 13.48
N GLN B 442 6.98 -1.33 12.25
CA GLN B 442 6.06 -1.45 11.13
CA GLN B 442 6.03 -1.46 11.14
C GLN B 442 5.12 -2.65 11.32
N HIS B 443 5.64 -3.76 11.83
CA HIS B 443 4.77 -4.90 12.10
C HIS B 443 3.74 -4.55 13.18
N GLU B 444 4.16 -3.82 14.20
CA GLU B 444 3.22 -3.46 15.26
C GLU B 444 2.10 -2.57 14.74
N ILE B 445 2.44 -1.68 13.82
CA ILE B 445 1.47 -0.82 13.18
C ILE B 445 0.45 -1.64 12.40
N GLU B 446 0.96 -2.62 11.67
CA GLU B 446 0.11 -3.52 10.90
C GLU B 446 -0.82 -4.31 11.83
N MET B 447 -0.27 -4.80 12.93
N MET B 447 -0.26 -4.82 12.92
CA MET B 447 -1.05 -5.55 13.90
CA MET B 447 -1.06 -5.55 13.89
C MET B 447 -2.08 -4.68 14.63
C MET B 447 -2.09 -4.65 14.57
N TYR B 448 -1.68 -3.44 14.95
CA TYR B 448 -2.60 -2.52 15.61
C TYR B 448 -3.81 -2.23 14.71
N ARG B 449 -3.53 -1.97 13.44
CA ARG B 449 -4.56 -1.73 12.43
C ARG B 449 -5.55 -2.90 12.41
N GLN B 450 -5.04 -4.13 12.35
CA GLN B 450 -5.91 -5.31 12.39
C GLN B 450 -6.71 -5.43 13.71
N SER B 451 -6.11 -5.02 14.82
CA SER B 451 -6.80 -5.11 16.10
C SER B 451 -7.98 -4.14 16.17
N VAL B 452 -7.83 -2.95 15.64
CA VAL B 452 -8.95 -2.01 15.64
C VAL B 452 -10.02 -2.44 14.62
N ILE B 453 -9.58 -2.98 13.48
CA ILE B 453 -10.52 -3.54 12.50
C ILE B 453 -11.36 -4.66 13.14
N ALA B 454 -10.73 -5.51 13.94
CA ALA B 454 -11.45 -6.59 14.63
C ALA B 454 -12.44 -6.07 15.68
N GLN B 455 -12.09 -5.02 16.40
CA GLN B 455 -13.04 -4.41 17.36
C GLN B 455 -14.27 -3.93 16.61
N TRP B 456 -14.00 -3.30 15.48
CA TRP B 456 -14.99 -2.65 14.66
C TRP B 456 -15.99 -3.70 14.14
N LYS B 457 -15.46 -4.79 13.59
CA LYS B 457 -16.27 -5.88 13.06
C LYS B 457 -17.06 -6.58 14.14
N ALA B 458 -16.46 -6.73 15.33
CA ALA B 458 -17.15 -7.42 16.43
C ALA B 458 -18.35 -6.59 16.90
N MET B 459 -18.27 -5.28 16.72
CA MET B 459 -19.36 -4.40 17.05
C MET B 459 -20.22 -4.16 15.82
N ASN B 460 -19.78 -4.72 14.70
CA ASN B 460 -20.51 -4.59 13.43
C ASN B 460 -20.79 -3.14 13.03
N LEU B 461 -19.80 -2.26 13.23
CA LEU B 461 -19.97 -0.84 12.92
C LEU B 461 -19.94 -0.59 11.42
N ASP B 462 -20.60 0.48 11.00
CA ASP B 462 -20.44 1.02 9.67
C ASP B 462 -19.42 2.16 9.67
N VAL B 463 -19.56 3.06 10.64
CA VAL B 463 -18.72 4.26 10.71
C VAL B 463 -18.49 4.61 12.17
N LEU B 464 -17.66 5.61 12.41
CA LEU B 464 -17.27 5.97 13.74
C LEU B 464 -17.31 7.49 13.88
N LEU B 465 -17.96 7.99 14.93
CA LEU B 465 -18.09 9.42 15.19
C LEU B 465 -17.20 9.77 16.37
N THR B 466 -16.36 10.79 16.22
CA THR B 466 -15.43 11.15 17.31
C THR B 466 -15.38 12.66 17.49
N PRO B 467 -14.87 13.13 18.62
CA PRO B 467 -14.69 14.58 18.72
C PRO B 467 -13.60 15.00 17.76
N MET B 468 -13.56 16.29 17.45
CA MET B 468 -12.48 16.87 16.66
C MET B 468 -11.96 18.08 17.42
N LEU B 469 -10.64 18.23 17.51
CA LEU B 469 -10.06 19.32 18.30
C LEU B 469 -10.60 20.68 17.88
N GLY B 470 -11.04 21.46 18.87
CA GLY B 470 -11.53 22.81 18.67
C GLY B 470 -11.99 23.37 20.00
N PRO B 471 -12.24 24.68 20.06
CA PRO B 471 -12.15 25.62 18.94
C PRO B 471 -10.69 25.97 18.60
N ALA B 472 -10.50 26.76 17.54
CA ALA B 472 -9.17 27.22 17.15
C ALA B 472 -8.30 27.65 18.34
N LEU B 473 -7.06 27.19 18.35
CA LEU B 473 -6.11 27.60 19.36
C LEU B 473 -5.54 28.99 19.03
N ASP B 474 -5.09 29.69 20.07
CA ASP B 474 -4.39 30.97 19.89
C ASP B 474 -3.14 30.80 19.03
N LEU B 475 -2.81 31.82 18.24
CA LEU B 475 -1.60 31.78 17.42
C LEU B 475 -0.39 31.37 18.25
N ASN B 476 0.47 30.54 17.66
CA ASN B 476 1.75 30.16 18.30
C ASN B 476 1.64 29.17 19.44
N THR B 477 0.45 28.65 19.70
CA THR B 477 0.32 27.62 20.73
C THR B 477 0.24 26.16 20.26
N PRO B 478 -0.24 25.91 19.02
CA PRO B 478 -0.29 24.50 18.60
C PRO B 478 1.04 23.79 18.75
N GLY B 479 2.16 24.48 18.47
CA GLY B 479 3.47 23.88 18.60
C GLY B 479 3.86 23.57 20.04
N ARG B 480 3.08 24.07 20.99
CA ARG B 480 3.35 23.82 22.41
C ARG B 480 2.25 22.97 23.06
N ALA B 481 1.35 22.46 22.24
CA ALA B 481 0.29 21.56 22.72
C ALA B 481 0.25 20.32 21.81
N THR B 482 1.35 19.59 21.78
CA THR B 482 1.45 18.44 20.88
C THR B 482 0.43 17.33 21.19
N GLY B 483 0.08 17.19 22.46
CA GLY B 483 -0.80 16.12 22.88
C GLY B 483 -2.15 16.16 22.18
N ALA B 484 -2.56 17.37 21.80
CA ALA B 484 -3.90 17.60 21.27
C ALA B 484 -4.08 17.07 19.84
N VAL B 485 -3.03 16.53 19.24
CA VAL B 485 -3.19 15.87 17.94
C VAL B 485 -3.77 14.47 18.12
N SER B 486 -4.07 14.09 19.35
CA SER B 486 -4.56 12.74 19.62
C SER B 486 -5.82 12.33 18.81
N TYR B 487 -6.77 13.25 18.66
CA TYR B 487 -8.02 12.89 17.98
C TYR B 487 -7.81 12.58 16.50
N THR B 488 -6.88 13.28 15.87
CA THR B 488 -6.68 13.14 14.43
C THR B 488 -5.59 12.11 14.07
N MET B 489 -4.47 12.14 14.77
N MET B 489 -4.48 12.16 14.80
CA MET B 489 -3.32 11.34 14.34
CA MET B 489 -3.29 11.38 14.48
C MET B 489 -3.57 9.85 14.53
C MET B 489 -3.59 9.88 14.54
N LEU B 490 -4.53 9.51 15.38
CA LEU B 490 -4.87 8.12 15.56
C LEU B 490 -5.26 7.52 14.19
N TYR B 491 -5.95 8.29 13.38
CA TYR B 491 -6.45 7.78 12.11
C TYR B 491 -5.41 7.84 10.97
N ASN B 492 -4.34 8.60 11.18
CA ASN B 492 -3.18 8.51 10.29
C ASN B 492 -2.44 7.23 10.59
N CYS B 493 -2.27 6.95 11.88
CA CYS B 493 -1.65 5.72 12.32
C CYS B 493 -2.42 4.50 11.78
N LEU B 494 -3.74 4.53 11.92
CA LEU B 494 -4.58 3.43 11.47
C LEU B 494 -4.76 3.43 9.96
N ASP B 495 -4.45 4.57 9.35
CA ASP B 495 -4.73 4.76 7.93
C ASP B 495 -6.20 4.46 7.58
N PHE B 496 -7.14 5.03 8.35
CA PHE B 496 -8.57 5.02 8.02
C PHE B 496 -8.93 6.37 7.40
N PRO B 497 -9.82 6.39 6.40
CA PRO B 497 -10.28 7.72 5.97
C PRO B 497 -11.02 8.43 7.13
N ALA B 498 -10.86 9.74 7.20
CA ALA B 498 -11.43 10.54 8.29
C ALA B 498 -11.67 11.96 7.81
N GLY B 499 -12.88 12.45 8.05
CA GLY B 499 -13.23 13.79 7.66
C GLY B 499 -13.83 14.57 8.80
N VAL B 500 -13.88 15.89 8.65
CA VAL B 500 -14.48 16.74 9.66
C VAL B 500 -15.58 17.60 9.07
N VAL B 501 -16.63 17.81 9.87
CA VAL B 501 -17.75 18.64 9.48
C VAL B 501 -18.00 19.63 10.61
N PRO B 502 -18.12 20.93 10.28
CA PRO B 502 -18.49 21.94 11.29
C PRO B 502 -19.92 21.66 11.76
N VAL B 503 -20.17 21.66 13.07
CA VAL B 503 -21.53 21.39 13.53
C VAL B 503 -22.10 22.46 14.47
N THR B 504 -21.25 23.35 14.98
CA THR B 504 -21.73 24.36 15.93
C THR B 504 -20.69 25.46 16.10
N THR B 505 -20.97 26.43 16.97
CA THR B 505 -19.98 27.43 17.34
C THR B 505 -19.90 27.57 18.87
N VAL B 506 -18.77 28.05 19.36
CA VAL B 506 -18.58 28.20 20.79
C VAL B 506 -19.52 29.27 21.33
N THR B 507 -20.31 28.92 22.35
CA THR B 507 -21.16 29.91 23.02
C THR B 507 -20.45 30.42 24.26
N ALA B 508 -20.98 31.48 24.86
CA ALA B 508 -20.36 32.05 26.04
C ALA B 508 -20.40 31.03 27.17
N GLU B 509 -21.53 30.32 27.29
CA GLU B 509 -21.63 29.22 28.26
C GLU B 509 -20.49 28.21 28.11
N ASP B 510 -20.16 27.85 26.86
CA ASP B 510 -19.07 26.90 26.58
C ASP B 510 -17.73 27.49 27.00
N ASP B 511 -17.52 28.75 26.63
CA ASP B 511 -16.25 29.43 26.83
C ASP B 511 -15.96 29.59 28.32
N ALA B 512 -16.99 29.94 29.07
CA ALA B 512 -16.86 30.11 30.53
C ALA B 512 -16.50 28.80 31.23
N GLN B 513 -16.98 27.68 30.68
CA GLN B 513 -16.66 26.36 31.26
C GLN B 513 -15.21 25.93 31.02
N MET B 514 -14.49 26.62 30.13
CA MET B 514 -13.05 26.39 29.95
C MET B 514 -12.27 26.63 31.24
N GLU B 515 -12.77 27.51 32.10
CA GLU B 515 -12.11 27.78 33.38
C GLU B 515 -12.11 26.55 34.28
N LEU B 516 -13.00 25.60 34.00
CA LEU B 516 -13.08 24.38 34.79
C LEU B 516 -12.28 23.22 34.17
N TYR B 517 -11.73 23.46 32.98
CA TYR B 517 -10.94 22.48 32.22
C TYR B 517 -9.61 22.16 32.91
N LYS B 518 -9.35 20.88 33.16
CA LYS B 518 -8.12 20.50 33.84
C LYS B 518 -7.15 19.67 32.99
N GLY B 519 -7.70 18.89 32.06
CA GLY B 519 -6.90 17.96 31.28
C GLY B 519 -6.75 16.67 32.07
N TYR B 520 -6.43 15.57 31.40
CA TYR B 520 -6.28 14.28 32.08
C TYR B 520 -4.91 14.12 32.75
N PHE B 521 -3.92 14.87 32.29
CA PHE B 521 -2.54 14.72 32.76
C PHE B 521 -2.05 15.92 33.58
N GLY B 522 -2.51 17.11 33.23
CA GLY B 522 -2.11 18.30 33.94
C GLY B 522 -0.66 18.66 33.67
N ASP B 523 -0.11 18.15 32.57
CA ASP B 523 1.22 18.54 32.14
C ASP B 523 1.17 19.82 31.30
N ILE B 524 2.32 20.25 30.82
CA ILE B 524 2.41 21.51 30.10
C ILE B 524 1.51 21.55 28.85
N TRP B 525 1.33 20.42 28.19
CA TRP B 525 0.45 20.34 27.02
C TRP B 525 -1.00 20.67 27.40
N ASP B 526 -1.48 20.10 28.51
CA ASP B 526 -2.83 20.40 29.00
C ASP B 526 -2.96 21.87 29.44
N ILE B 527 -1.90 22.38 30.08
CA ILE B 527 -1.90 23.75 30.57
C ILE B 527 -1.98 24.74 29.41
N ILE B 528 -1.16 24.49 28.39
CA ILE B 528 -1.15 25.32 27.19
C ILE B 528 -2.48 25.26 26.46
N LEU B 529 -3.04 24.04 26.32
CA LEU B 529 -4.28 23.86 25.59
C LEU B 529 -5.43 24.61 26.26
N LYS B 530 -5.50 24.48 27.58
CA LYS B 530 -6.50 25.20 28.35
C LYS B 530 -6.51 26.70 28.04
N LYS B 531 -5.33 27.33 28.12
CA LYS B 531 -5.25 28.76 27.83
C LYS B 531 -5.54 29.07 26.36
N ALA B 532 -5.04 28.22 25.47
CA ALA B 532 -5.12 28.46 24.03
C ALA B 532 -6.54 28.40 23.47
N MET B 533 -7.42 27.66 24.14
CA MET B 533 -8.79 27.47 23.67
C MET B 533 -9.78 28.46 24.27
N LYS B 534 -9.30 29.30 25.17
CA LYS B 534 -10.14 30.36 25.75
C LYS B 534 -10.36 31.49 24.77
N ASN B 535 -11.28 32.39 25.10
CA ASN B 535 -11.60 33.55 24.27
C ASN B 535 -12.01 33.13 22.86
N SER B 536 -12.85 32.11 22.76
CA SER B 536 -13.16 31.53 21.46
C SER B 536 -14.63 31.62 21.10
N VAL B 537 -15.35 32.48 21.81
CA VAL B 537 -16.78 32.66 21.55
C VAL B 537 -17.04 33.01 20.10
N GLY B 538 -18.00 32.33 19.49
CA GLY B 538 -18.28 32.53 18.08
C GLY B 538 -17.52 31.63 17.12
N LEU B 539 -16.47 30.96 17.60
CA LEU B 539 -15.65 30.12 16.70
C LEU B 539 -16.29 28.77 16.37
N PRO B 540 -16.02 28.25 15.16
CA PRO B 540 -16.64 26.98 14.75
C PRO B 540 -16.04 25.78 15.46
N VAL B 541 -16.85 24.74 15.62
CA VAL B 541 -16.44 23.50 16.25
C VAL B 541 -16.95 22.36 15.39
N ALA B 542 -16.11 21.35 15.17
CA ALA B 542 -16.49 20.26 14.28
C ALA B 542 -16.61 18.93 15.03
N VAL B 543 -17.08 17.90 14.32
CA VAL B 543 -16.88 16.52 14.75
C VAL B 543 -16.12 15.78 13.66
N GLN B 544 -15.58 14.62 13.99
CA GLN B 544 -14.86 13.82 13.02
C GLN B 544 -15.64 12.56 12.65
N CYS B 545 -15.64 12.23 11.36
CA CYS B 545 -16.29 11.02 10.84
C CYS B 545 -15.24 10.08 10.27
N VAL B 546 -15.31 8.82 10.68
CA VAL B 546 -14.30 7.84 10.28
C VAL B 546 -14.97 6.62 9.68
N ALA B 547 -14.34 6.03 8.67
CA ALA B 547 -14.77 4.75 8.12
C ALA B 547 -13.53 3.87 7.96
N LEU B 548 -13.73 2.62 7.53
CA LEU B 548 -12.64 1.68 7.33
C LEU B 548 -11.80 2.05 6.10
N PRO B 549 -10.57 1.51 6.02
CA PRO B 549 -9.73 1.77 4.83
C PRO B 549 -10.47 1.58 3.50
N TRP B 550 -10.26 2.50 2.58
CA TRP B 550 -10.84 2.46 1.23
C TRP B 550 -12.33 2.75 1.21
N GLN B 551 -12.88 3.14 2.36
CA GLN B 551 -14.31 3.45 2.48
CA GLN B 551 -14.30 3.46 2.40
C GLN B 551 -14.54 4.96 2.49
N GLU B 552 -13.83 5.69 1.63
CA GLU B 552 -14.02 7.14 1.53
C GLU B 552 -15.47 7.49 1.25
N GLU B 553 -16.13 6.70 0.40
CA GLU B 553 -17.50 7.00 0.02
C GLU B 553 -18.45 6.89 1.22
N LEU B 554 -18.28 5.84 2.01
CA LEU B 554 -19.11 5.64 3.19
C LEU B 554 -18.81 6.74 4.20
N CYS B 555 -17.54 7.13 4.27
CA CYS B 555 -17.15 8.18 5.21
C CYS B 555 -17.84 9.50 4.81
N LEU B 556 -17.85 9.80 3.52
CA LEU B 556 -18.56 10.96 3.00
C LEU B 556 -20.09 10.84 3.16
N ARG B 557 -20.62 9.63 3.03
CA ARG B 557 -22.07 9.42 3.24
C ARG B 557 -22.46 9.82 4.66
N PHE B 558 -21.63 9.44 5.61
CA PHE B 558 -21.82 9.78 7.02
C PHE B 558 -21.64 11.28 7.27
N MET B 559 -20.55 11.84 6.76
CA MET B 559 -20.32 13.29 6.85
C MET B 559 -21.53 14.06 6.30
N ARG B 560 -22.07 13.59 5.18
CA ARG B 560 -23.23 14.23 4.55
C ARG B 560 -24.42 14.19 5.49
N GLU B 561 -24.57 13.07 6.20
CA GLU B 561 -25.66 12.89 7.14
C GLU B 561 -25.51 13.87 8.32
N VAL B 562 -24.30 13.97 8.85
CA VAL B 562 -24.02 14.89 9.95
C VAL B 562 -24.28 16.34 9.54
N GLU B 563 -23.74 16.73 8.40
CA GLU B 563 -23.95 18.07 7.88
C GLU B 563 -25.45 18.37 7.73
N GLN B 564 -26.19 17.41 7.21
CA GLN B 564 -27.62 17.62 6.97
C GLN B 564 -28.41 17.79 8.28
N LEU B 565 -28.05 17.03 9.30
CA LEU B 565 -28.72 17.07 10.59
C LEU B 565 -28.31 18.29 11.45
N MET B 566 -27.03 18.67 11.40
CA MET B 566 -26.57 19.76 12.26
C MET B 566 -26.66 21.13 11.58
N THR B 567 -26.52 21.14 10.27
CA THR B 567 -26.50 22.39 9.51
C THR B 567 -27.28 22.21 8.21
N PRO B 568 -28.61 22.05 8.34
CA PRO B 568 -29.49 21.69 7.22
C PRO B 568 -29.37 22.69 6.07
N GLN B 569 -28.96 23.92 6.39
CA GLN B 569 -28.83 24.97 5.40
C GLN B 569 -27.75 24.73 4.35
N LYS B 570 -26.79 23.85 4.65
CA LYS B 570 -25.68 23.57 3.74
C LYS B 570 -26.04 22.64 2.56
N GLN B 571 -27.27 22.13 2.57
CA GLN B 571 -27.75 21.24 1.52
C GLN B 571 -29.11 21.69 1.00
N PRO B 572 -29.39 21.43 -0.30
CA PRO B 572 -30.62 21.90 -0.94
C PRO B 572 -31.87 21.24 -0.38
#